data_2FKY
#
_entry.id   2FKY
#
_cell.length_a   69.2
_cell.length_b   79.6
_cell.length_c   159.0
_cell.angle_alpha   90.0
_cell.angle_beta   90.0
_cell.angle_gamma   90.0
#
_symmetry.space_group_name_H-M   'P 21 21 21'
#
loop_
_entity.id
_entity.type
_entity.pdbx_description
1 polymer 'Kinesin-like protein KIF11'
2 non-polymer 'MAGNESIUM ION'
3 non-polymer "ADENOSINE-5'-DIPHOSPHATE"
4 non-polymer (2S)-4-(2,5-DIFLUOROPHENYL)-N-METHYL-2-PHENYL-N-PIPERIDIN-4-YL-2,5-DIHYDRO-1H-PYRROLE-1-CARBOXAMIDE
5 water water
#
_entity_poly.entity_id   1
_entity_poly.type   'polypeptide(L)'
_entity_poly.pdbx_seq_one_letter_code
;ASQPNSSAKKKEEKGKNIQVVVRCRPFNLAERKASAHSIVECDPVRKEVSVRTGGLADKSSRKTYTFDMVFGASTKQIDV
YRSVVCPILDEVIMGYNCTIFAYGQTGTGKTFTMEGERSPNEEYTWEEDPLAGIIPRTLHQIFEKLTDNGTEFSVKVSLL
EIYNEELFDLLNPSSDVSERLQMFDDPRNKRGVIIKGLEEITVHNKDEVYQILEKGAAKRTTAATLMNAYSSRSHSVFSV
TIHMKETTIDGEELVKIGKLNLVDLAGSENIGRSGAVDKRAREAGNINQSLLTLGRVITALVERTPHVPYRESKLTRILQ
DSLGGRTRTSIIATISPASLNLEETLSTLEYAHRAKNILNKPEVNQK
;
_entity_poly.pdbx_strand_id   A,B
#
# COMPACT_ATOMS: atom_id res chain seq x y z
N ASN A 17 15.50 -9.52 18.03
CA ASN A 17 15.16 -8.87 19.33
C ASN A 17 13.66 -8.93 19.64
N ILE A 18 12.81 -8.60 18.67
CA ILE A 18 11.36 -8.70 18.92
C ILE A 18 11.07 -10.18 19.15
N GLN A 19 10.47 -10.50 20.29
CA GLN A 19 10.18 -11.89 20.64
C GLN A 19 8.89 -12.35 19.99
N VAL A 20 8.92 -13.55 19.41
CA VAL A 20 7.75 -14.10 18.73
C VAL A 20 7.38 -15.46 19.31
N VAL A 21 6.14 -15.60 19.74
CA VAL A 21 5.67 -16.85 20.27
C VAL A 21 4.50 -17.33 19.42
N VAL A 22 4.33 -18.64 19.33
CA VAL A 22 3.24 -19.19 18.54
C VAL A 22 2.29 -19.95 19.47
N ARG A 23 0.99 -19.79 19.26
CA ARG A 23 0.00 -20.48 20.08
C ARG A 23 -1.01 -21.21 19.21
N CYS A 24 -1.02 -22.53 19.29
CA CYS A 24 -1.98 -23.30 18.53
C CYS A 24 -3.21 -23.48 19.40
N ARG A 25 -4.40 -23.34 18.82
CA ARG A 25 -5.63 -23.54 19.58
C ARG A 25 -6.01 -25.01 19.43
N PRO A 26 -6.82 -25.52 20.34
CA PRO A 26 -7.24 -26.92 20.25
C PRO A 26 -8.43 -27.01 19.29
N PHE A 27 -8.77 -28.23 18.89
CA PHE A 27 -9.92 -28.44 18.01
C PHE A 27 -11.19 -28.03 18.77
N ASN A 28 -12.20 -27.55 18.05
CA ASN A 28 -13.47 -27.16 18.66
C ASN A 28 -14.38 -28.40 18.77
N LEU A 29 -15.65 -28.22 19.14
CA LEU A 29 -16.57 -29.36 19.24
C LEU A 29 -16.91 -29.97 17.88
N ALA A 30 -17.15 -29.11 16.89
CA ALA A 30 -17.48 -29.56 15.54
C ALA A 30 -16.33 -30.31 14.87
N GLU A 31 -15.12 -30.10 15.38
CA GLU A 31 -13.93 -30.76 14.86
C GLU A 31 -13.65 -32.06 15.60
N ARG A 32 -14.15 -32.18 16.83
CA ARG A 32 -13.98 -33.40 17.60
C ARG A 32 -14.91 -34.48 17.05
N LYS A 33 -16.18 -34.12 16.85
CA LYS A 33 -17.18 -35.05 16.33
C LYS A 33 -16.83 -35.52 14.92
N ALA A 34 -16.20 -34.65 14.13
CA ALA A 34 -15.79 -34.97 12.77
C ALA A 34 -14.47 -35.74 12.80
N SER A 35 -14.02 -36.07 14.01
CA SER A 35 -12.77 -36.79 14.24
C SER A 35 -11.64 -36.21 13.39
N ALA A 36 -11.31 -34.95 13.63
CA ALA A 36 -10.28 -34.25 12.89
C ALA A 36 -8.87 -34.60 13.35
N HIS A 37 -7.98 -34.77 12.38
CA HIS A 37 -6.59 -35.08 12.65
C HIS A 37 -5.84 -33.74 12.61
N SER A 38 -4.92 -33.55 13.55
CA SER A 38 -4.17 -32.30 13.60
C SER A 38 -2.96 -32.33 12.69
N ILE A 39 -2.80 -31.30 11.86
CA ILE A 39 -1.64 -31.26 10.98
C ILE A 39 -0.52 -30.45 11.62
N VAL A 40 -0.71 -30.10 12.88
CA VAL A 40 0.28 -29.32 13.63
C VAL A 40 0.74 -30.07 14.87
N GLU A 41 2.02 -29.94 15.18
CA GLU A 41 2.59 -30.56 16.38
C GLU A 41 3.54 -29.56 17.01
N CYS A 42 3.45 -29.40 18.33
CA CYS A 42 4.30 -28.46 19.04
C CYS A 42 5.26 -29.14 20.00
N ASP A 43 6.45 -28.57 20.11
CA ASP A 43 7.50 -29.08 20.99
C ASP A 43 8.01 -27.88 21.79
N PRO A 44 7.33 -27.53 22.89
CA PRO A 44 7.70 -26.41 23.74
C PRO A 44 9.13 -26.43 24.25
N VAL A 45 9.59 -27.58 24.72
CA VAL A 45 10.95 -27.67 25.23
C VAL A 45 11.96 -27.28 24.14
N ARG A 46 11.60 -27.52 22.88
CA ARG A 46 12.50 -27.18 21.77
C ARG A 46 12.05 -25.91 21.02
N LYS A 47 11.01 -25.25 21.54
CA LYS A 47 10.50 -24.02 20.94
C LYS A 47 10.27 -24.24 19.44
N GLU A 48 9.68 -25.39 19.11
CA GLU A 48 9.48 -25.73 17.71
C GLU A 48 8.03 -26.06 17.39
N VAL A 49 7.63 -25.76 16.15
CA VAL A 49 6.28 -26.08 15.72
C VAL A 49 6.45 -26.73 14.35
N SER A 50 5.80 -27.86 14.14
CA SER A 50 5.92 -28.60 12.89
C SER A 50 4.56 -28.77 12.22
N VAL A 51 4.50 -28.52 10.91
CA VAL A 51 3.26 -28.63 10.17
C VAL A 51 3.31 -29.66 9.04
N ARG A 52 2.29 -30.51 9.01
CA ARG A 52 2.15 -31.53 7.98
C ARG A 52 1.66 -30.85 6.70
N THR A 53 2.47 -30.89 5.65
CA THR A 53 2.13 -30.25 4.38
C THR A 53 1.71 -31.19 3.25
N GLY A 54 2.28 -32.40 3.24
CA GLY A 54 1.96 -33.35 2.19
C GLY A 54 0.73 -34.17 2.47
N GLY A 55 0.76 -34.95 3.55
CA GLY A 55 -0.38 -35.78 3.90
C GLY A 55 0.00 -37.16 4.41
N LEU A 56 -0.91 -37.76 5.16
CA LEU A 56 -0.73 -39.10 5.74
C LEU A 56 0.15 -39.15 6.99
N ALA A 57 -0.41 -39.65 8.09
CA ALA A 57 0.31 -39.80 9.36
C ALA A 57 1.17 -41.07 9.34
N ASP A 58 1.09 -41.79 8.22
CA ASP A 58 1.83 -43.02 7.98
C ASP A 58 3.13 -42.62 7.27
N LYS A 59 3.02 -41.64 6.38
CA LYS A 59 4.15 -41.12 5.61
C LYS A 59 3.78 -39.70 5.16
N SER A 60 4.63 -38.72 5.44
CA SER A 60 4.32 -37.36 5.06
C SER A 60 5.51 -36.42 4.97
N SER A 61 5.25 -35.26 4.39
CA SER A 61 6.24 -34.21 4.25
C SER A 61 5.88 -33.16 5.30
N ARG A 62 6.86 -32.44 5.80
CA ARG A 62 6.57 -31.45 6.83
C ARG A 62 7.43 -30.20 6.79
N LYS A 63 6.95 -29.16 7.47
CA LYS A 63 7.66 -27.89 7.56
C LYS A 63 7.83 -27.54 9.03
N THR A 64 9.05 -27.21 9.42
CA THR A 64 9.35 -26.88 10.81
C THR A 64 9.82 -25.43 10.98
N TYR A 65 9.44 -24.82 12.10
CA TYR A 65 9.83 -23.44 12.42
C TYR A 65 10.20 -23.34 13.89
N THR A 66 11.24 -22.58 14.19
CA THR A 66 11.65 -22.38 15.57
C THR A 66 11.31 -20.94 15.96
N PHE A 67 10.80 -20.75 17.16
CA PHE A 67 10.44 -19.42 17.64
C PHE A 67 11.02 -19.22 19.03
N ASP A 68 10.67 -18.11 19.66
CA ASP A 68 11.15 -17.85 21.02
C ASP A 68 10.37 -18.72 22.02
N MET A 69 9.12 -18.97 21.72
CA MET A 69 8.28 -19.80 22.58
C MET A 69 7.16 -20.37 21.72
N VAL A 70 6.74 -21.59 22.03
CA VAL A 70 5.65 -22.25 21.32
C VAL A 70 4.76 -22.90 22.37
N PHE A 71 3.44 -22.70 22.23
CA PHE A 71 2.44 -23.22 23.14
C PHE A 71 1.45 -24.06 22.33
N GLY A 72 1.36 -25.34 22.67
CA GLY A 72 0.47 -26.26 21.97
C GLY A 72 -0.98 -26.07 22.37
N ALA A 73 -1.86 -26.94 21.85
CA ALA A 73 -3.30 -26.86 22.14
C ALA A 73 -3.68 -27.01 23.61
N SER A 74 -2.84 -27.69 24.39
CA SER A 74 -3.15 -27.87 25.80
C SER A 74 -2.87 -26.62 26.65
N THR A 75 -2.22 -25.63 26.07
CA THR A 75 -1.85 -24.41 26.80
C THR A 75 -3.06 -23.61 27.29
N LYS A 76 -3.13 -23.36 28.59
CA LYS A 76 -4.24 -22.61 29.17
C LYS A 76 -3.85 -21.14 29.30
N GLN A 77 -4.84 -20.30 29.57
CA GLN A 77 -4.63 -18.85 29.72
C GLN A 77 -3.59 -18.50 30.79
N ILE A 78 -3.61 -19.24 31.89
CA ILE A 78 -2.68 -18.98 32.98
C ILE A 78 -1.24 -19.31 32.58
N ASP A 79 -1.05 -20.27 31.67
CA ASP A 79 0.30 -20.62 31.21
C ASP A 79 0.85 -19.49 30.34
N VAL A 80 -0.02 -18.92 29.50
CA VAL A 80 0.37 -17.83 28.62
C VAL A 80 0.73 -16.62 29.47
N TYR A 81 -0.13 -16.28 30.43
CA TYR A 81 0.14 -15.12 31.28
C TYR A 81 1.43 -15.22 32.08
N ARG A 82 1.63 -16.32 32.79
CA ARG A 82 2.84 -16.48 33.59
C ARG A 82 4.13 -16.49 32.76
N SER A 83 4.10 -17.15 31.60
CA SER A 83 5.28 -17.24 30.74
C SER A 83 5.60 -16.02 29.89
N VAL A 84 4.61 -15.38 29.30
CA VAL A 84 4.89 -14.23 28.45
C VAL A 84 4.54 -12.86 29.01
N VAL A 85 3.39 -12.73 29.66
CA VAL A 85 2.95 -11.44 30.15
C VAL A 85 3.57 -10.94 31.46
N CYS A 86 3.69 -11.81 32.46
CA CYS A 86 4.26 -11.40 33.73
C CYS A 86 5.60 -10.67 33.60
N PRO A 87 6.56 -11.25 32.87
CA PRO A 87 7.84 -10.53 32.74
C PRO A 87 7.73 -9.20 31.98
N ILE A 88 6.81 -9.14 31.01
CA ILE A 88 6.63 -7.91 30.26
C ILE A 88 5.96 -6.83 31.12
N LEU A 89 5.04 -7.26 31.98
CA LEU A 89 4.37 -6.32 32.88
C LEU A 89 5.36 -5.77 33.89
N ASP A 90 6.30 -6.60 34.34
CA ASP A 90 7.31 -6.16 35.29
C ASP A 90 8.08 -4.99 34.67
N GLU A 91 8.47 -5.16 33.41
CA GLU A 91 9.20 -4.10 32.71
C GLU A 91 8.37 -2.82 32.62
N VAL A 92 7.07 -2.97 32.37
CA VAL A 92 6.22 -1.80 32.29
C VAL A 92 6.21 -1.08 33.64
N ILE A 93 6.14 -1.86 34.72
CA ILE A 93 6.14 -1.31 36.08
C ILE A 93 7.45 -0.60 36.40
N MET A 94 8.51 -0.93 35.67
CA MET A 94 9.81 -0.28 35.85
C MET A 94 9.89 1.05 35.13
N GLY A 95 8.82 1.40 34.39
CA GLY A 95 8.80 2.66 33.66
C GLY A 95 9.14 2.59 32.18
N TYR A 96 8.95 1.42 31.57
CA TYR A 96 9.22 1.23 30.14
C TYR A 96 7.90 1.01 29.37
N ASN A 97 7.96 1.11 28.05
CA ASN A 97 6.78 0.89 27.23
C ASN A 97 6.88 -0.49 26.59
N CYS A 98 5.79 -1.24 26.59
CA CYS A 98 5.81 -2.57 25.99
C CYS A 98 4.55 -2.75 25.15
N THR A 99 4.68 -3.53 24.09
CA THR A 99 3.55 -3.77 23.21
C THR A 99 3.48 -5.26 22.87
N ILE A 100 2.27 -5.81 22.87
CA ILE A 100 2.08 -7.20 22.51
C ILE A 100 1.03 -7.26 21.38
N PHE A 101 1.39 -7.86 20.25
CA PHE A 101 0.49 -8.01 19.10
C PHE A 101 -0.05 -9.44 19.09
N ALA A 102 -1.23 -9.63 18.51
CA ALA A 102 -1.79 -10.96 18.37
C ALA A 102 -2.02 -10.99 16.87
N TYR A 103 -1.34 -11.92 16.19
CA TYR A 103 -1.44 -12.02 14.74
C TYR A 103 -1.86 -13.42 14.35
N GLY A 104 -2.80 -13.50 13.41
CA GLY A 104 -3.28 -14.79 12.95
C GLY A 104 -4.60 -14.67 12.22
N GLN A 105 -4.98 -15.78 11.61
CA GLN A 105 -6.22 -15.86 10.84
C GLN A 105 -7.43 -15.80 11.77
N THR A 106 -8.54 -15.28 11.25
CA THR A 106 -9.77 -15.22 12.03
C THR A 106 -10.11 -16.64 12.53
N GLY A 107 -10.46 -16.77 13.80
CA GLY A 107 -10.82 -18.07 14.35
C GLY A 107 -9.69 -18.86 14.99
N THR A 108 -8.50 -18.30 15.05
CA THR A 108 -7.40 -19.04 15.64
C THR A 108 -7.10 -18.66 17.08
N GLY A 109 -7.79 -17.66 17.62
CA GLY A 109 -7.56 -17.32 19.01
C GLY A 109 -6.90 -16.02 19.39
N LYS A 110 -6.85 -15.07 18.46
CA LYS A 110 -6.27 -13.76 18.74
C LYS A 110 -7.01 -13.08 19.91
N THR A 111 -8.34 -13.00 19.80
CA THR A 111 -9.17 -12.37 20.82
C THR A 111 -9.20 -13.22 22.10
N PHE A 112 -9.29 -14.53 21.97
CA PHE A 112 -9.30 -15.43 23.13
C PHE A 112 -7.99 -15.22 23.92
N THR A 113 -6.88 -15.02 23.22
CA THR A 113 -5.60 -14.83 23.89
C THR A 113 -5.46 -13.45 24.54
N MET A 114 -5.78 -12.39 23.79
CA MET A 114 -5.66 -11.03 24.31
C MET A 114 -6.71 -10.63 25.36
N GLU A 115 -7.95 -11.07 25.19
CA GLU A 115 -9.02 -10.74 26.12
C GLU A 115 -9.56 -11.92 26.93
N GLY A 116 -9.76 -13.05 26.27
CA GLY A 116 -10.28 -14.21 26.96
C GLY A 116 -11.79 -14.17 26.92
N GLU A 117 -12.44 -15.05 27.67
CA GLU A 117 -13.90 -15.13 27.71
C GLU A 117 -14.37 -15.51 29.10
N ARG A 118 -15.69 -15.58 29.26
CA ARG A 118 -16.28 -15.97 30.53
C ARG A 118 -16.66 -17.45 30.45
N SER A 119 -16.47 -18.19 31.52
CA SER A 119 -16.87 -19.58 31.51
C SER A 119 -18.38 -19.52 31.55
N PRO A 120 -19.05 -20.46 30.87
CA PRO A 120 -20.52 -20.48 30.85
C PRO A 120 -21.20 -20.66 32.21
N ASN A 121 -22.48 -20.31 32.24
CA ASN A 121 -23.34 -20.46 33.41
C ASN A 121 -22.93 -19.73 34.70
N GLU A 122 -22.30 -18.57 34.56
CA GLU A 122 -21.86 -17.80 35.72
C GLU A 122 -21.11 -18.67 36.75
N GLU A 123 -20.25 -19.57 36.27
CA GLU A 123 -19.50 -20.45 37.16
C GLU A 123 -18.49 -19.72 38.04
N TYR A 124 -17.86 -18.67 37.51
CA TYR A 124 -16.87 -17.93 38.28
C TYR A 124 -17.11 -16.43 38.24
N THR A 125 -16.28 -15.71 39.02
CA THR A 125 -16.33 -14.25 39.05
C THR A 125 -15.29 -13.90 37.98
N TRP A 126 -15.31 -12.68 37.46
CA TRP A 126 -14.37 -12.33 36.41
C TRP A 126 -12.88 -12.46 36.79
N GLU A 127 -12.55 -12.13 38.02
CA GLU A 127 -11.16 -12.20 38.44
C GLU A 127 -10.63 -13.61 38.73
N GLU A 128 -11.51 -14.60 38.67
CA GLU A 128 -11.09 -15.98 38.90
C GLU A 128 -11.39 -16.88 37.70
N ASP A 129 -12.07 -16.32 36.70
CA ASP A 129 -12.41 -17.08 35.51
C ASP A 129 -11.14 -17.53 34.80
N PRO A 130 -10.93 -18.85 34.68
CA PRO A 130 -9.74 -19.37 34.00
C PRO A 130 -9.72 -19.09 32.49
N LEU A 131 -10.85 -18.67 31.94
CA LEU A 131 -10.90 -18.38 30.51
C LEU A 131 -10.46 -16.94 30.25
N ALA A 132 -10.20 -16.18 31.31
CA ALA A 132 -9.75 -14.80 31.18
C ALA A 132 -8.43 -14.73 30.39
N GLY A 133 -8.27 -13.68 29.59
CA GLY A 133 -7.08 -13.53 28.80
C GLY A 133 -6.11 -12.50 29.35
N ILE A 134 -5.25 -11.97 28.47
CA ILE A 134 -4.23 -11.02 28.88
C ILE A 134 -4.68 -9.70 29.49
N ILE A 135 -5.63 -9.01 28.86
CA ILE A 135 -6.09 -7.73 29.38
C ILE A 135 -6.72 -7.78 30.78
N PRO A 136 -7.74 -8.63 31.01
CA PRO A 136 -8.30 -8.65 32.36
C PRO A 136 -7.26 -9.12 33.40
N ARG A 137 -6.47 -10.13 33.06
CA ARG A 137 -5.45 -10.58 33.99
C ARG A 137 -4.43 -9.49 34.30
N THR A 138 -4.01 -8.76 33.28
CA THR A 138 -3.06 -7.68 33.46
C THR A 138 -3.60 -6.58 34.38
N LEU A 139 -4.80 -6.08 34.08
CA LEU A 139 -5.40 -5.03 34.89
C LEU A 139 -5.61 -5.46 36.34
N HIS A 140 -6.08 -6.69 36.56
CA HIS A 140 -6.31 -7.20 37.92
C HIS A 140 -4.98 -7.36 38.64
N GLN A 141 -3.94 -7.72 37.90
CA GLN A 141 -2.63 -7.93 38.48
C GLN A 141 -1.88 -6.64 38.80
N ILE A 142 -2.13 -5.57 38.05
CA ILE A 142 -1.46 -4.30 38.30
C ILE A 142 -1.84 -3.80 39.69
N PHE A 143 -3.13 -3.89 40.00
CA PHE A 143 -3.65 -3.49 41.30
C PHE A 143 -3.17 -4.46 42.38
N GLU A 144 -3.10 -5.75 42.06
CA GLU A 144 -2.65 -6.74 43.02
C GLU A 144 -1.17 -6.54 43.39
N LYS A 145 -0.38 -6.02 42.46
CA LYS A 145 1.04 -5.81 42.71
C LYS A 145 1.44 -4.47 43.30
N LEU A 146 0.76 -3.40 42.89
CA LEU A 146 1.08 -2.06 43.40
C LEU A 146 0.38 -1.71 44.70
N THR A 147 -0.78 -2.31 44.96
CA THR A 147 -1.51 -2.03 46.19
C THR A 147 -0.74 -2.55 47.41
N ASP A 148 -0.05 -3.68 47.24
CA ASP A 148 0.73 -4.29 48.31
C ASP A 148 1.86 -3.36 48.75
N ASN A 149 2.93 -3.31 47.95
CA ASN A 149 4.07 -2.46 48.26
C ASN A 149 3.61 -1.00 48.23
N GLY A 150 4.16 -0.20 49.14
CA GLY A 150 3.80 1.21 49.22
C GLY A 150 4.11 1.98 47.95
N THR A 151 3.13 2.06 47.06
CA THR A 151 3.32 2.76 45.79
C THR A 151 2.04 3.49 45.43
N GLU A 152 2.14 4.81 45.29
CA GLU A 152 0.96 5.58 44.89
C GLU A 152 0.95 5.44 43.38
N PHE A 153 -0.22 5.26 42.79
CA PHE A 153 -0.28 5.09 41.34
C PHE A 153 -1.66 5.37 40.77
N SER A 154 -1.70 5.58 39.46
CA SER A 154 -2.95 5.83 38.76
C SER A 154 -2.91 5.03 37.47
N VAL A 155 -4.01 4.35 37.16
CA VAL A 155 -4.06 3.56 35.95
C VAL A 155 -5.07 4.16 34.98
N LYS A 156 -4.62 4.38 33.75
CA LYS A 156 -5.48 4.93 32.71
C LYS A 156 -5.56 3.93 31.57
N VAL A 157 -6.75 3.60 31.11
CA VAL A 157 -6.88 2.68 30.00
C VAL A 157 -7.50 3.41 28.82
N SER A 158 -7.19 2.95 27.63
CA SER A 158 -7.73 3.54 26.43
C SER A 158 -7.93 2.40 25.43
N LEU A 159 -8.97 2.49 24.61
CA LEU A 159 -9.25 1.45 23.64
C LEU A 159 -9.54 2.11 22.29
N LEU A 160 -8.53 2.10 21.43
CA LEU A 160 -8.60 2.72 20.11
C LEU A 160 -8.71 1.62 19.05
N GLU A 161 -9.63 1.75 18.11
CA GLU A 161 -9.78 0.72 17.10
C GLU A 161 -9.76 1.27 15.69
N ILE A 162 -9.30 0.47 14.73
CA ILE A 162 -9.19 0.91 13.34
C ILE A 162 -10.01 0.04 12.40
N TYR A 163 -10.86 0.65 11.60
CA TYR A 163 -11.67 -0.07 10.62
C TYR A 163 -11.66 0.75 9.36
N ASN A 164 -11.17 0.17 8.28
CA ASN A 164 -11.08 0.85 6.98
C ASN A 164 -10.38 2.20 7.11
N GLU A 165 -9.29 2.21 7.87
CA GLU A 165 -8.48 3.40 8.10
C GLU A 165 -9.17 4.55 8.84
N GLU A 166 -10.20 4.24 9.60
CA GLU A 166 -10.88 5.26 10.40
C GLU A 166 -10.63 4.89 11.85
N LEU A 167 -10.48 5.89 12.70
CA LEU A 167 -10.21 5.68 14.12
C LEU A 167 -11.49 5.75 14.94
N PHE A 168 -11.65 4.81 15.87
CA PHE A 168 -12.84 4.82 16.70
C PHE A 168 -12.43 4.68 18.17
N ASP A 169 -13.27 5.19 19.06
CA ASP A 169 -13.02 5.12 20.49
C ASP A 169 -14.11 4.21 21.05
N LEU A 170 -13.73 3.00 21.47
CA LEU A 170 -14.71 2.05 21.98
C LEU A 170 -14.97 2.11 23.48
N LEU A 171 -14.52 3.16 24.16
CA LEU A 171 -14.73 3.29 25.60
C LEU A 171 -15.46 4.58 26.00
N ASN A 172 -15.54 5.55 25.09
CA ASN A 172 -16.22 6.81 25.35
C ASN A 172 -17.72 6.48 25.45
N PRO A 173 -18.35 6.76 26.59
CA PRO A 173 -19.78 6.49 26.79
C PRO A 173 -20.74 7.62 26.43
N SER A 174 -20.27 8.64 25.74
CA SER A 174 -21.13 9.76 25.35
C SER A 174 -21.05 10.07 23.86
N SER A 175 -20.38 9.18 23.12
CA SER A 175 -20.25 9.32 21.67
C SER A 175 -20.60 7.97 21.09
N ASP A 176 -21.17 7.94 19.89
CA ASP A 176 -21.49 6.66 19.27
C ASP A 176 -20.40 6.23 18.29
N VAL A 177 -20.50 5.01 17.80
CA VAL A 177 -19.51 4.46 16.87
C VAL A 177 -19.54 5.01 15.45
N SER A 178 -20.30 6.07 15.23
CA SER A 178 -20.38 6.71 13.92
C SER A 178 -19.43 7.90 13.91
N GLU A 179 -18.91 8.25 15.09
CA GLU A 179 -17.99 9.37 15.25
C GLU A 179 -16.53 8.88 15.23
N ARG A 180 -15.87 9.12 14.11
CA ARG A 180 -14.47 8.72 13.94
C ARG A 180 -13.54 9.80 14.49
N LEU A 181 -12.42 9.39 15.06
CA LEU A 181 -11.45 10.33 15.63
C LEU A 181 -10.45 10.82 14.60
N GLN A 182 -9.88 11.99 14.86
CA GLN A 182 -8.88 12.57 13.97
C GLN A 182 -7.48 12.30 14.53
N MET A 183 -6.52 12.11 13.65
CA MET A 183 -5.15 11.83 14.05
C MET A 183 -4.20 12.86 13.43
N PHE A 184 -3.26 13.36 14.23
CA PHE A 184 -2.29 14.35 13.76
C PHE A 184 -0.88 14.01 14.26
N ASP A 185 0.14 14.54 13.58
CA ASP A 185 1.52 14.31 14.01
C ASP A 185 1.76 15.14 15.27
N ASP A 186 2.48 14.60 16.25
CA ASP A 186 2.76 15.33 17.48
C ASP A 186 3.98 16.20 17.27
N PRO A 187 3.81 17.53 17.24
CA PRO A 187 4.91 18.47 17.03
C PRO A 187 5.99 18.42 18.11
N ARG A 188 5.67 17.79 19.24
CA ARG A 188 6.63 17.67 20.34
C ARG A 188 7.58 16.51 20.11
N ASN A 189 7.19 15.30 20.48
CA ASN A 189 8.07 14.14 20.29
C ASN A 189 7.91 13.50 18.91
N LYS A 190 8.99 13.54 18.13
CA LYS A 190 9.00 12.99 16.77
C LYS A 190 8.48 11.56 16.70
N ARG A 191 8.07 11.16 15.48
CA ARG A 191 7.52 9.83 15.22
C ARG A 191 6.49 9.40 16.28
N GLY A 192 5.64 10.35 16.67
CA GLY A 192 4.60 10.09 17.65
C GLY A 192 3.36 10.76 17.10
N VAL A 193 2.19 10.43 17.64
CA VAL A 193 0.97 11.04 17.13
C VAL A 193 0.03 11.50 18.23
N ILE A 194 -0.96 12.30 17.83
CA ILE A 194 -1.96 12.79 18.74
C ILE A 194 -3.33 12.42 18.20
N ILE A 195 -4.11 11.73 19.01
CA ILE A 195 -5.44 11.34 18.60
C ILE A 195 -6.46 12.25 19.28
N LYS A 196 -6.99 13.17 18.50
CA LYS A 196 -7.96 14.16 18.97
C LYS A 196 -9.24 13.55 19.51
N GLY A 197 -9.47 13.73 20.80
CA GLY A 197 -10.66 13.19 21.41
C GLY A 197 -10.59 11.78 21.97
N LEU A 198 -9.44 11.14 21.91
CA LEU A 198 -9.34 9.78 22.45
C LEU A 198 -9.56 9.86 23.96
N GLU A 199 -10.55 9.14 24.45
CA GLU A 199 -10.85 9.13 25.88
C GLU A 199 -9.92 8.21 26.67
N GLU A 200 -9.42 8.71 27.78
CA GLU A 200 -8.55 7.95 28.65
C GLU A 200 -9.35 7.78 29.94
N ILE A 201 -9.71 6.54 30.26
CA ILE A 201 -10.49 6.30 31.46
C ILE A 201 -9.62 5.86 32.63
N THR A 202 -9.78 6.54 33.76
CA THR A 202 -9.03 6.22 34.97
C THR A 202 -9.68 5.03 35.65
N VAL A 203 -8.89 4.03 35.99
CA VAL A 203 -9.42 2.85 36.68
C VAL A 203 -9.01 3.02 38.14
N HIS A 204 -9.95 3.48 38.95
CA HIS A 204 -9.69 3.73 40.37
C HIS A 204 -9.35 2.48 41.21
N ASN A 205 -9.88 1.32 40.83
CA ASN A 205 -9.58 0.11 41.58
C ASN A 205 -10.02 -1.14 40.83
N LYS A 206 -9.51 -2.28 41.27
CA LYS A 206 -9.83 -3.55 40.63
C LYS A 206 -11.33 -3.75 40.38
N ASP A 207 -12.17 -3.38 41.35
CA ASP A 207 -13.60 -3.55 41.19
C ASP A 207 -14.25 -2.62 40.18
N GLU A 208 -13.42 -1.84 39.49
CA GLU A 208 -13.91 -0.92 38.48
C GLU A 208 -13.50 -1.45 37.10
N VAL A 209 -12.61 -2.44 37.09
CA VAL A 209 -12.11 -3.04 35.86
C VAL A 209 -13.19 -3.66 34.97
N TYR A 210 -13.81 -4.72 35.45
CA TYR A 210 -14.81 -5.43 34.68
C TYR A 210 -15.85 -4.61 33.92
N GLN A 211 -16.52 -3.68 34.58
CA GLN A 211 -17.54 -2.91 33.85
C GLN A 211 -16.95 -2.06 32.72
N ILE A 212 -15.70 -1.65 32.86
CA ILE A 212 -15.06 -0.87 31.81
C ILE A 212 -14.98 -1.80 30.58
N LEU A 213 -14.59 -3.04 30.81
CA LEU A 213 -14.48 -4.02 29.72
C LEU A 213 -15.87 -4.36 29.17
N GLU A 214 -16.87 -4.46 30.05
CA GLU A 214 -18.22 -4.76 29.59
C GLU A 214 -18.73 -3.66 28.66
N LYS A 215 -18.46 -2.42 29.04
CA LYS A 215 -18.89 -1.28 28.23
C LYS A 215 -18.23 -1.36 26.85
N GLY A 216 -16.93 -1.71 26.83
CA GLY A 216 -16.23 -1.82 25.56
C GLY A 216 -16.85 -2.91 24.69
N ALA A 217 -17.16 -4.06 25.30
CA ALA A 217 -17.77 -5.16 24.58
C ALA A 217 -19.10 -4.74 23.97
N ALA A 218 -19.92 -4.06 24.77
CA ALA A 218 -21.23 -3.59 24.30
C ALA A 218 -21.11 -2.58 23.16
N LYS A 219 -20.17 -1.64 23.26
CA LYS A 219 -20.00 -0.66 22.18
C LYS A 219 -19.49 -1.36 20.89
N ARG A 220 -18.71 -2.41 21.06
CA ARG A 220 -18.21 -3.17 19.91
C ARG A 220 -19.36 -3.85 19.17
N THR A 221 -20.42 -4.19 19.90
CA THR A 221 -21.58 -4.82 19.29
C THR A 221 -22.27 -3.84 18.35
N THR A 222 -22.37 -2.59 18.75
CA THR A 222 -22.99 -1.58 17.90
C THR A 222 -22.08 -1.32 16.69
N ALA A 223 -20.77 -1.33 16.90
CA ALA A 223 -19.85 -1.12 15.78
C ALA A 223 -20.04 -2.26 14.78
N ALA A 224 -20.27 -3.46 15.31
CA ALA A 224 -20.48 -4.63 14.46
C ALA A 224 -21.76 -4.54 13.61
N THR A 225 -22.82 -3.96 14.15
CA THR A 225 -24.04 -3.87 13.34
C THR A 225 -23.89 -2.81 12.26
N LEU A 226 -23.10 -1.78 12.55
CA LEU A 226 -22.89 -0.69 11.61
C LEU A 226 -21.80 -0.92 10.56
N MET A 227 -20.79 -1.71 10.89
CA MET A 227 -19.68 -1.98 9.96
C MET A 227 -19.53 -3.47 9.66
N ASN A 228 -19.41 -3.79 8.38
CA ASN A 228 -19.30 -5.17 7.94
C ASN A 228 -18.14 -5.97 8.51
N ALA A 229 -18.44 -7.16 9.02
CA ALA A 229 -17.41 -8.02 9.56
C ALA A 229 -16.45 -7.24 10.44
N TYR A 230 -16.98 -6.36 11.29
CA TYR A 230 -16.16 -5.54 12.15
C TYR A 230 -15.12 -6.27 12.99
N SER A 231 -15.53 -7.34 13.67
CA SER A 231 -14.61 -8.09 14.54
C SER A 231 -13.49 -8.78 13.81
N SER A 232 -13.64 -8.99 12.50
CA SER A 232 -12.61 -9.64 11.71
C SER A 232 -11.70 -8.64 11.01
N ARG A 233 -12.24 -7.48 10.66
CA ARG A 233 -11.46 -6.51 9.90
C ARG A 233 -10.86 -5.36 10.69
N SER A 234 -11.24 -5.22 11.95
CA SER A 234 -10.73 -4.13 12.76
C SER A 234 -9.50 -4.48 13.57
N HIS A 235 -8.71 -3.44 13.88
CA HIS A 235 -7.51 -3.59 14.70
C HIS A 235 -7.85 -2.90 16.03
N SER A 236 -7.57 -3.53 17.16
CA SER A 236 -7.87 -2.88 18.43
C SER A 236 -6.61 -2.70 19.27
N VAL A 237 -6.43 -1.50 19.77
CA VAL A 237 -5.28 -1.18 20.59
C VAL A 237 -5.78 -0.78 21.96
N PHE A 238 -5.60 -1.68 22.93
CA PHE A 238 -6.03 -1.43 24.29
C PHE A 238 -4.77 -1.01 25.04
N SER A 239 -4.73 0.24 25.48
CA SER A 239 -3.56 0.72 26.18
C SER A 239 -3.80 0.99 27.67
N VAL A 240 -2.84 0.59 28.48
CA VAL A 240 -2.92 0.80 29.92
C VAL A 240 -1.67 1.55 30.36
N THR A 241 -1.86 2.79 30.80
CA THR A 241 -0.77 3.65 31.26
C THR A 241 -0.74 3.68 32.78
N ILE A 242 0.43 3.43 33.36
CA ILE A 242 0.55 3.44 34.80
C ILE A 242 1.49 4.55 35.30
N HIS A 243 0.92 5.52 36.01
CA HIS A 243 1.69 6.61 36.60
C HIS A 243 2.00 6.15 38.03
N MET A 244 3.29 6.01 38.35
CA MET A 244 3.67 5.55 39.67
C MET A 244 4.56 6.50 40.46
N LYS A 245 4.48 6.38 41.78
CA LYS A 245 5.27 7.19 42.70
C LYS A 245 5.64 6.23 43.83
N GLU A 246 6.62 5.38 43.56
CA GLU A 246 7.07 4.37 44.52
C GLU A 246 8.01 4.92 45.59
N THR A 247 7.67 4.66 46.85
CA THR A 247 8.51 5.10 47.94
C THR A 247 9.02 3.84 48.63
N THR A 248 10.29 3.52 48.45
CA THR A 248 10.89 2.33 49.06
C THR A 248 10.80 2.45 50.58
N ILE A 249 11.09 1.37 51.30
CA ILE A 249 11.04 1.40 52.76
C ILE A 249 11.98 2.42 53.39
N ASP A 250 12.81 3.06 52.56
CA ASP A 250 13.76 4.06 53.01
C ASP A 250 13.09 5.44 53.02
N GLY A 251 12.95 6.01 51.83
CA GLY A 251 12.35 7.32 51.69
C GLY A 251 12.67 7.89 50.32
N GLU A 252 12.90 6.99 49.36
CA GLU A 252 13.22 7.37 47.99
C GLU A 252 11.92 7.25 47.20
N GLU A 253 11.53 8.33 46.52
CA GLU A 253 10.32 8.27 45.73
C GLU A 253 10.64 8.27 44.25
N LEU A 254 10.46 7.11 43.62
CA LEU A 254 10.73 6.92 42.20
C LEU A 254 9.47 7.18 41.40
N VAL A 255 9.49 8.23 40.59
CA VAL A 255 8.33 8.55 39.75
C VAL A 255 8.53 7.86 38.41
N LYS A 256 7.69 6.87 38.13
CA LYS A 256 7.81 6.12 36.89
C LYS A 256 6.51 6.09 36.10
N ILE A 257 6.66 6.05 34.78
CA ILE A 257 5.52 6.02 33.88
C ILE A 257 5.70 4.85 32.91
N GLY A 258 4.76 3.93 32.93
CA GLY A 258 4.83 2.79 32.04
C GLY A 258 3.57 2.62 31.21
N LYS A 259 3.73 2.18 29.97
CA LYS A 259 2.58 2.00 29.10
C LYS A 259 2.69 0.65 28.39
N LEU A 260 1.59 -0.10 28.42
CA LEU A 260 1.51 -1.40 27.77
C LEU A 260 0.40 -1.35 26.72
N ASN A 261 0.75 -1.70 25.48
CA ASN A 261 -0.22 -1.71 24.40
C ASN A 261 -0.55 -3.15 24.03
N LEU A 262 -1.83 -3.51 24.08
CA LEU A 262 -2.26 -4.85 23.74
C LEU A 262 -3.02 -4.70 22.43
N VAL A 263 -2.43 -5.22 21.37
CA VAL A 263 -3.01 -5.08 20.04
C VAL A 263 -3.56 -6.37 19.44
N ASP A 264 -4.87 -6.36 19.20
CA ASP A 264 -5.57 -7.50 18.59
C ASP A 264 -5.74 -7.10 17.13
N LEU A 265 -4.88 -7.62 16.29
CA LEU A 265 -4.88 -7.33 14.87
C LEU A 265 -6.04 -7.93 14.07
N ALA A 266 -6.36 -7.30 12.96
CA ALA A 266 -7.40 -7.79 12.06
C ALA A 266 -6.95 -9.17 11.55
N GLY A 267 -7.92 -10.01 11.19
CA GLY A 267 -7.57 -11.33 10.69
C GLY A 267 -6.61 -11.22 9.51
N SER A 268 -5.60 -12.07 9.51
CA SER A 268 -4.59 -12.07 8.45
C SER A 268 -4.94 -12.85 7.19
N GLU A 269 -6.05 -13.59 7.20
CA GLU A 269 -6.45 -14.39 6.05
C GLU A 269 -6.72 -13.58 4.78
N ASN A 270 -6.53 -14.24 3.63
CA ASN A 270 -6.76 -13.60 2.34
C ASN A 270 -7.60 -14.50 1.45
N ASN A 286 -12.48 -5.89 1.92
CA ASN A 286 -11.49 -6.16 0.88
C ASN A 286 -10.01 -5.88 1.18
N ILE A 287 -9.59 -4.61 1.23
CA ILE A 287 -8.19 -4.32 1.51
C ILE A 287 -8.04 -3.65 2.86
N ASN A 288 -7.11 -4.16 3.65
CA ASN A 288 -6.84 -3.62 4.97
C ASN A 288 -5.50 -2.90 4.88
N GLN A 289 -5.56 -1.59 4.71
CA GLN A 289 -4.36 -0.77 4.58
C GLN A 289 -3.37 -0.90 5.73
N SER A 290 -3.87 -0.91 6.97
CA SER A 290 -3.01 -1.04 8.13
C SER A 290 -2.33 -2.42 8.21
N LEU A 291 -3.07 -3.48 7.89
CA LEU A 291 -2.52 -4.83 7.92
C LEU A 291 -1.43 -4.96 6.84
N LEU A 292 -1.75 -4.47 5.64
CA LEU A 292 -0.83 -4.48 4.50
C LEU A 292 0.46 -3.71 4.85
N THR A 293 0.28 -2.53 5.45
CA THR A 293 1.40 -1.69 5.82
C THR A 293 2.25 -2.32 6.92
N LEU A 294 1.60 -2.97 7.89
CA LEU A 294 2.34 -3.62 8.98
C LEU A 294 3.32 -4.62 8.38
N GLY A 295 2.83 -5.42 7.43
CA GLY A 295 3.68 -6.39 6.76
C GLY A 295 4.85 -5.75 6.03
N ARG A 296 4.59 -4.64 5.34
CA ARG A 296 5.63 -3.94 4.61
C ARG A 296 6.64 -3.27 5.55
N VAL A 297 6.16 -2.79 6.69
CA VAL A 297 7.04 -2.17 7.67
C VAL A 297 8.01 -3.23 8.21
N ILE A 298 7.48 -4.40 8.54
CA ILE A 298 8.29 -5.49 9.05
C ILE A 298 9.33 -5.91 8.02
N THR A 299 8.90 -6.00 6.75
CA THR A 299 9.81 -6.38 5.67
C THR A 299 10.96 -5.38 5.51
N ALA A 300 10.68 -4.09 5.62
CA ALA A 300 11.73 -3.09 5.47
C ALA A 300 12.67 -3.12 6.68
N LEU A 301 12.13 -3.45 7.84
CA LEU A 301 12.93 -3.51 9.04
C LEU A 301 13.89 -4.69 9.06
N VAL A 302 13.45 -5.86 8.62
CA VAL A 302 14.32 -7.03 8.62
C VAL A 302 15.26 -7.07 7.41
N GLU A 303 14.91 -6.34 6.35
CA GLU A 303 15.76 -6.29 5.18
C GLU A 303 16.67 -5.05 5.22
N ARG A 304 16.74 -4.42 6.39
CA ARG A 304 17.58 -3.23 6.61
C ARG A 304 17.36 -2.09 5.62
N THR A 305 16.17 -2.03 5.02
CA THR A 305 15.83 -0.96 4.08
C THR A 305 15.84 0.38 4.80
N PRO A 306 16.48 1.40 4.21
CA PRO A 306 16.55 2.72 4.82
C PRO A 306 15.19 3.38 5.06
N HIS A 307 14.26 3.19 4.14
CA HIS A 307 12.93 3.77 4.30
C HIS A 307 11.93 2.75 4.81
N VAL A 308 11.32 3.05 5.96
CA VAL A 308 10.32 2.17 6.54
C VAL A 308 9.00 2.92 6.37
N PRO A 309 8.04 2.32 5.68
CA PRO A 309 6.74 2.96 5.44
C PRO A 309 5.76 3.13 6.61
N TYR A 310 6.23 3.57 7.77
CA TYR A 310 5.38 3.79 8.93
C TYR A 310 4.13 4.62 8.63
N ARG A 311 4.31 5.73 7.91
CA ARG A 311 3.21 6.63 7.59
C ARG A 311 2.15 6.19 6.59
N GLU A 312 2.34 5.04 5.94
CA GLU A 312 1.36 4.57 4.96
C GLU A 312 0.06 3.98 5.55
N SER A 313 -0.06 3.97 6.88
CA SER A 313 -1.28 3.46 7.52
C SER A 313 -1.38 4.04 8.92
N LYS A 314 -2.58 4.09 9.47
CA LYS A 314 -2.73 4.63 10.82
C LYS A 314 -2.17 3.70 11.91
N LEU A 315 -2.29 2.40 11.71
CA LEU A 315 -1.76 1.45 12.69
C LEU A 315 -0.27 1.67 12.92
N THR A 316 0.50 1.65 11.83
CA THR A 316 1.95 1.82 11.91
C THR A 316 2.44 3.19 12.33
N ARG A 317 1.59 4.20 12.22
CA ARG A 317 2.03 5.52 12.68
C ARG A 317 1.78 5.55 14.19
N ILE A 318 0.64 5.02 14.62
CA ILE A 318 0.30 4.98 16.03
C ILE A 318 1.28 4.11 16.82
N LEU A 319 1.72 3.02 16.21
CA LEU A 319 2.62 2.10 16.90
C LEU A 319 4.03 2.04 16.34
N GLN A 320 4.48 3.09 15.66
CA GLN A 320 5.82 3.06 15.09
C GLN A 320 6.94 2.84 16.11
N ASP A 321 6.77 3.31 17.34
CA ASP A 321 7.81 3.07 18.33
C ASP A 321 7.84 1.59 18.74
N SER A 322 6.84 0.82 18.31
CA SER A 322 6.78 -0.62 18.60
C SER A 322 7.41 -1.45 17.47
N LEU A 323 7.69 -0.82 16.34
CA LEU A 323 8.29 -1.51 15.21
C LEU A 323 9.67 -0.92 14.92
N GLY A 324 10.68 -1.46 15.59
CA GLY A 324 12.03 -0.96 15.41
C GLY A 324 12.27 0.35 16.15
N GLY A 325 11.51 0.58 17.21
CA GLY A 325 11.66 1.79 17.99
C GLY A 325 12.27 1.50 19.34
N ARG A 326 11.84 2.23 20.37
CA ARG A 326 12.42 2.01 21.68
C ARG A 326 11.49 1.25 22.63
N THR A 327 10.44 0.65 22.08
CA THR A 327 9.48 -0.11 22.89
C THR A 327 9.80 -1.62 22.78
N ARG A 328 9.67 -2.33 23.90
CA ARG A 328 9.91 -3.78 23.89
C ARG A 328 8.63 -4.41 23.37
N THR A 329 8.70 -5.11 22.24
CA THR A 329 7.49 -5.72 21.72
C THR A 329 7.62 -7.22 21.48
N SER A 330 6.47 -7.88 21.56
CA SER A 330 6.34 -9.32 21.36
C SER A 330 5.15 -9.56 20.43
N ILE A 331 5.23 -10.65 19.67
CA ILE A 331 4.15 -11.01 18.79
C ILE A 331 3.72 -12.43 19.14
N ILE A 332 2.41 -12.64 19.26
CA ILE A 332 1.88 -13.97 19.54
C ILE A 332 1.11 -14.36 18.28
N ALA A 333 1.63 -15.33 17.54
CA ALA A 333 1.00 -15.81 16.31
C ALA A 333 0.13 -17.01 16.64
N THR A 334 -1.17 -16.86 16.40
CA THR A 334 -2.16 -17.90 16.66
C THR A 334 -2.45 -18.72 15.40
N ILE A 335 -2.54 -20.03 15.57
CA ILE A 335 -2.79 -20.91 14.43
C ILE A 335 -3.80 -21.98 14.77
N SER A 336 -4.31 -22.61 13.73
CA SER A 336 -5.28 -23.67 13.87
C SER A 336 -4.59 -24.99 13.56
N PRO A 337 -5.03 -26.07 14.20
CA PRO A 337 -4.42 -27.39 13.94
C PRO A 337 -5.13 -28.17 12.83
N ALA A 338 -6.22 -27.63 12.30
CA ALA A 338 -7.00 -28.32 11.27
C ALA A 338 -6.38 -28.23 9.88
N SER A 339 -6.45 -29.35 9.14
CA SER A 339 -5.86 -29.42 7.81
C SER A 339 -6.49 -28.45 6.79
N LEU A 340 -7.71 -28.01 7.07
CA LEU A 340 -8.40 -27.06 6.19
C LEU A 340 -7.72 -25.68 6.21
N ASN A 341 -6.99 -25.39 7.29
CA ASN A 341 -6.31 -24.11 7.43
C ASN A 341 -4.81 -24.18 7.12
N LEU A 342 -4.39 -25.20 6.39
CA LEU A 342 -2.99 -25.36 6.06
C LEU A 342 -2.34 -24.11 5.45
N GLU A 343 -2.87 -23.65 4.33
CA GLU A 343 -2.33 -22.47 3.65
C GLU A 343 -2.19 -21.26 4.58
N GLU A 344 -3.26 -20.92 5.30
CA GLU A 344 -3.19 -19.78 6.22
C GLU A 344 -2.26 -20.06 7.41
N THR A 345 -2.20 -21.30 7.88
CA THR A 345 -1.31 -21.61 8.99
C THR A 345 0.15 -21.42 8.56
N LEU A 346 0.48 -21.88 7.36
CA LEU A 346 1.84 -21.70 6.85
C LEU A 346 2.16 -20.22 6.64
N SER A 347 1.18 -19.49 6.10
CA SER A 347 1.37 -18.06 5.86
C SER A 347 1.65 -17.33 7.18
N THR A 348 0.90 -17.69 8.21
CA THR A 348 1.04 -17.11 9.54
C THR A 348 2.41 -17.42 10.14
N LEU A 349 2.79 -18.69 10.12
CA LEU A 349 4.08 -19.09 10.67
C LEU A 349 5.23 -18.39 9.94
N GLU A 350 5.18 -18.44 8.62
CA GLU A 350 6.19 -17.81 7.80
C GLU A 350 6.32 -16.30 8.10
N TYR A 351 5.18 -15.63 8.31
CA TYR A 351 5.16 -14.21 8.62
C TYR A 351 5.75 -13.94 9.99
N ALA A 352 5.36 -14.77 10.96
CA ALA A 352 5.85 -14.64 12.32
C ALA A 352 7.34 -14.97 12.42
N HIS A 353 7.84 -15.86 11.56
CA HIS A 353 9.26 -16.21 11.60
C HIS A 353 10.14 -15.04 11.16
N ARG A 354 9.72 -14.34 10.11
CA ARG A 354 10.47 -13.18 9.63
C ARG A 354 10.55 -12.09 10.68
N ALA A 355 9.45 -11.90 11.42
CA ALA A 355 9.41 -10.87 12.47
C ALA A 355 10.51 -11.00 13.53
N LYS A 356 10.99 -12.22 13.79
CA LYS A 356 12.05 -12.45 14.77
C LYS A 356 13.32 -11.61 14.52
N ASN A 357 13.55 -11.26 13.26
CA ASN A 357 14.72 -10.48 12.87
C ASN A 357 14.62 -8.97 13.05
N ILE A 358 13.52 -8.49 13.61
CA ILE A 358 13.35 -7.06 13.83
C ILE A 358 14.10 -6.70 15.11
N LEU A 359 14.82 -5.58 15.07
CA LEU A 359 15.57 -5.18 16.24
C LEU A 359 15.13 -3.79 16.70
N ASN A 360 14.79 -3.66 17.98
CA ASN A 360 14.41 -2.36 18.52
C ASN A 360 15.05 -2.03 19.87
N LYS A 361 15.19 -0.72 20.12
CA LYS A 361 15.81 -0.18 21.34
C LYS A 361 17.32 -0.05 21.16
N ASN B 17 7.95 -9.06 -22.73
CA ASN B 17 7.02 -8.80 -23.87
C ASN B 17 6.65 -7.32 -23.96
N ILE B 18 6.56 -6.64 -22.82
CA ILE B 18 6.24 -5.22 -22.78
C ILE B 18 7.46 -4.42 -23.26
N GLN B 19 7.22 -3.32 -24.01
CA GLN B 19 8.29 -2.49 -24.55
C GLN B 19 8.73 -1.38 -23.59
N VAL B 20 10.04 -1.24 -23.41
CA VAL B 20 10.57 -0.20 -22.52
C VAL B 20 11.68 0.59 -23.21
N VAL B 21 11.48 1.89 -23.33
CA VAL B 21 12.48 2.74 -23.95
C VAL B 21 12.88 3.79 -22.93
N VAL B 22 14.03 4.40 -23.16
CA VAL B 22 14.54 5.42 -22.24
C VAL B 22 14.82 6.69 -23.04
N ARG B 23 14.39 7.83 -22.49
CA ARG B 23 14.65 9.09 -23.16
C ARG B 23 15.32 10.05 -22.20
N CYS B 24 16.49 10.55 -22.60
CA CYS B 24 17.21 11.49 -21.76
C CYS B 24 16.98 12.91 -22.26
N ARG B 25 16.69 13.83 -21.34
CA ARG B 25 16.48 15.22 -21.73
C ARG B 25 17.82 15.90 -21.82
N PRO B 26 17.89 17.03 -22.53
CA PRO B 26 19.15 17.76 -22.66
C PRO B 26 19.20 18.73 -21.49
N PHE B 27 20.37 19.30 -21.22
CA PHE B 27 20.51 20.27 -20.12
C PHE B 27 19.68 21.51 -20.42
N ASN B 28 19.22 22.21 -19.39
CA ASN B 28 18.46 23.42 -19.61
C ASN B 28 19.43 24.60 -19.82
N LEU B 29 18.94 25.82 -19.63
CA LEU B 29 19.79 26.99 -19.82
C LEU B 29 20.68 27.29 -18.60
N ALA B 30 20.13 27.05 -17.41
CA ALA B 30 20.89 27.26 -16.18
C ALA B 30 22.05 26.27 -16.07
N GLU B 31 21.79 25.02 -16.44
CA GLU B 31 22.81 23.98 -16.39
C GLU B 31 23.95 24.21 -17.39
N ARG B 32 23.61 24.65 -18.60
CA ARG B 32 24.63 24.89 -19.62
C ARG B 32 25.49 26.12 -19.32
N LYS B 33 24.92 27.10 -18.62
CA LYS B 33 25.67 28.30 -18.26
C LYS B 33 26.72 27.95 -17.21
N ALA B 34 26.46 26.89 -16.46
CA ALA B 34 27.38 26.41 -15.43
C ALA B 34 28.28 25.31 -15.99
N SER B 35 28.26 25.14 -17.30
CA SER B 35 29.07 24.12 -17.96
C SER B 35 28.89 22.78 -17.24
N ALA B 36 27.74 22.15 -17.46
CA ALA B 36 27.42 20.89 -16.83
C ALA B 36 28.05 19.69 -17.53
N HIS B 37 28.50 18.74 -16.72
CA HIS B 37 29.12 17.52 -17.18
C HIS B 37 28.07 16.42 -17.20
N SER B 38 27.83 15.86 -18.37
CA SER B 38 26.85 14.79 -18.51
C SER B 38 27.33 13.48 -17.92
N ILE B 39 26.48 12.86 -17.11
CA ILE B 39 26.82 11.58 -16.51
C ILE B 39 26.08 10.46 -17.21
N VAL B 40 25.37 10.80 -18.27
CA VAL B 40 24.61 9.80 -19.02
C VAL B 40 25.03 9.73 -20.49
N GLU B 41 25.26 8.52 -20.97
CA GLU B 41 25.64 8.32 -22.37
C GLU B 41 24.65 7.33 -22.98
N CYS B 42 24.05 7.71 -24.08
CA CYS B 42 23.09 6.84 -24.74
C CYS B 42 23.69 6.26 -26.02
N ASP B 43 23.57 4.95 -26.17
CA ASP B 43 24.07 4.26 -27.35
C ASP B 43 22.87 3.64 -28.06
N PRO B 44 22.26 4.39 -29.00
CA PRO B 44 21.10 3.87 -29.72
C PRO B 44 21.40 2.59 -30.50
N VAL B 45 22.57 2.52 -31.11
CA VAL B 45 22.96 1.35 -31.88
C VAL B 45 22.96 0.10 -30.98
N ARG B 46 23.56 0.21 -29.81
CA ARG B 46 23.60 -0.91 -28.87
C ARG B 46 22.37 -0.92 -27.97
N LYS B 47 21.55 0.14 -28.05
CA LYS B 47 20.34 0.28 -27.26
C LYS B 47 20.67 0.27 -25.76
N GLU B 48 21.74 0.97 -25.39
CA GLU B 48 22.17 1.04 -24.01
C GLU B 48 22.17 2.47 -23.50
N VAL B 49 22.25 2.59 -22.19
CA VAL B 49 22.32 3.88 -21.54
C VAL B 49 23.26 3.59 -20.39
N SER B 50 24.36 4.35 -20.31
CA SER B 50 25.34 4.15 -19.26
C SER B 50 25.45 5.38 -18.37
N VAL B 51 25.46 5.15 -17.07
CA VAL B 51 25.50 6.22 -16.09
C VAL B 51 26.77 6.23 -15.26
N ARG B 52 27.34 7.42 -15.05
CA ARG B 52 28.55 7.53 -14.25
C ARG B 52 28.16 7.61 -12.78
N THR B 53 28.50 6.57 -12.04
CA THR B 53 28.17 6.49 -10.62
C THR B 53 29.25 7.06 -9.68
N GLY B 54 30.44 7.30 -10.22
CA GLY B 54 31.51 7.83 -9.42
C GLY B 54 32.76 8.11 -10.24
N GLY B 55 33.73 8.79 -9.62
CA GLY B 55 34.96 9.13 -10.31
C GLY B 55 34.71 10.11 -11.44
N LEU B 56 35.70 10.30 -12.31
CA LEU B 56 35.57 11.22 -13.44
C LEU B 56 35.86 10.53 -14.77
N ALA B 57 35.96 11.33 -15.84
CA ALA B 57 36.23 10.80 -17.17
C ALA B 57 37.55 10.03 -17.22
N ASP B 58 38.52 10.47 -16.41
CA ASP B 58 39.84 9.84 -16.35
C ASP B 58 39.77 8.42 -15.79
N LYS B 59 38.97 8.23 -14.74
CA LYS B 59 38.78 6.92 -14.12
C LYS B 59 37.41 6.95 -13.46
N SER B 60 36.57 5.95 -13.76
CA SER B 60 35.25 5.94 -13.16
C SER B 60 34.54 4.60 -13.19
N SER B 61 33.48 4.51 -12.39
CA SER B 61 32.66 3.32 -12.35
C SER B 61 31.37 3.73 -13.04
N ARG B 62 30.68 2.79 -13.67
CA ARG B 62 29.45 3.14 -14.36
C ARG B 62 28.47 1.98 -14.28
N LYS B 63 27.22 2.27 -14.59
CA LYS B 63 26.17 1.26 -14.60
C LYS B 63 25.51 1.33 -15.98
N THR B 64 25.38 0.19 -16.64
CA THR B 64 24.77 0.17 -17.97
C THR B 64 23.54 -0.72 -18.00
N TYR B 65 22.53 -0.28 -18.73
CA TYR B 65 21.30 -1.05 -18.84
C TYR B 65 20.92 -1.11 -20.31
N THR B 66 20.32 -2.21 -20.73
CA THR B 66 19.90 -2.36 -22.12
C THR B 66 18.37 -2.30 -22.13
N PHE B 67 17.83 -1.67 -23.17
CA PHE B 67 16.39 -1.55 -23.33
C PHE B 67 16.03 -1.81 -24.79
N ASP B 68 14.74 -1.74 -25.10
CA ASP B 68 14.29 -1.97 -26.48
C ASP B 68 14.68 -0.82 -27.42
N MET B 69 14.78 0.38 -26.87
CA MET B 69 15.18 1.57 -27.62
C MET B 69 15.67 2.59 -26.61
N VAL B 70 16.62 3.43 -27.00
CA VAL B 70 17.14 4.47 -26.13
C VAL B 70 17.26 5.73 -26.96
N PHE B 71 16.83 6.86 -26.38
CA PHE B 71 16.85 8.14 -27.04
C PHE B 71 17.67 9.17 -26.29
N GLY B 72 18.84 9.49 -26.83
CA GLY B 72 19.70 10.46 -26.20
C GLY B 72 19.08 11.84 -26.26
N ALA B 73 19.72 12.78 -25.58
CA ALA B 73 19.27 14.16 -25.54
C ALA B 73 19.03 14.81 -26.90
N SER B 74 19.65 14.28 -27.95
CA SER B 74 19.50 14.83 -29.30
C SER B 74 18.20 14.46 -30.03
N THR B 75 17.62 13.32 -29.71
CA THR B 75 16.40 12.88 -30.38
C THR B 75 15.29 13.93 -30.31
N LYS B 76 14.64 14.17 -31.45
CA LYS B 76 13.56 15.14 -31.51
C LYS B 76 12.19 14.47 -31.33
N GLN B 77 11.15 15.27 -31.20
CA GLN B 77 9.78 14.79 -31.02
C GLN B 77 9.36 13.84 -32.14
N ILE B 78 9.55 14.29 -33.39
CA ILE B 78 9.18 13.49 -34.55
C ILE B 78 9.85 12.10 -34.56
N ASP B 79 11.08 12.03 -34.06
CA ASP B 79 11.79 10.76 -34.03
C ASP B 79 11.16 9.81 -33.00
N VAL B 80 10.79 10.37 -31.86
CA VAL B 80 10.16 9.57 -30.82
C VAL B 80 8.85 8.99 -31.35
N TYR B 81 8.04 9.84 -31.97
CA TYR B 81 6.76 9.43 -32.52
C TYR B 81 6.89 8.37 -33.61
N ARG B 82 7.78 8.61 -34.57
CA ARG B 82 7.97 7.65 -35.66
C ARG B 82 8.46 6.29 -35.15
N SER B 83 9.41 6.30 -34.23
CA SER B 83 9.98 5.07 -33.69
C SER B 83 9.09 4.31 -32.70
N VAL B 84 8.42 5.04 -31.83
CA VAL B 84 7.56 4.40 -30.83
C VAL B 84 6.05 4.39 -31.08
N VAL B 85 5.46 5.56 -31.30
CA VAL B 85 4.01 5.66 -31.49
C VAL B 85 3.42 5.15 -32.80
N CYS B 86 4.06 5.47 -33.92
CA CYS B 86 3.58 5.04 -35.24
C CYS B 86 3.15 3.55 -35.30
N PRO B 87 4.01 2.65 -34.81
CA PRO B 87 3.65 1.22 -34.84
C PRO B 87 2.48 0.90 -33.90
N ILE B 88 2.44 1.57 -32.76
CA ILE B 88 1.36 1.34 -31.77
C ILE B 88 0.03 1.88 -32.30
N LEU B 89 0.07 2.98 -33.04
CA LEU B 89 -1.15 3.56 -33.59
C LEU B 89 -1.72 2.65 -34.67
N ASP B 90 -0.85 2.02 -35.44
CA ASP B 90 -1.32 1.11 -36.48
C ASP B 90 -2.05 -0.05 -35.84
N GLU B 91 -1.57 -0.47 -34.68
CA GLU B 91 -2.21 -1.56 -33.97
C GLU B 91 -3.56 -1.12 -33.40
N VAL B 92 -3.64 0.11 -32.89
CA VAL B 92 -4.91 0.61 -32.36
C VAL B 92 -5.93 0.64 -33.49
N ILE B 93 -5.51 1.13 -34.65
CA ILE B 93 -6.38 1.19 -35.81
C ILE B 93 -6.85 -0.21 -36.24
N MET B 94 -6.04 -1.24 -35.98
CA MET B 94 -6.45 -2.60 -36.33
C MET B 94 -7.47 -3.14 -35.32
N GLY B 95 -7.78 -2.35 -34.29
CA GLY B 95 -8.73 -2.76 -33.28
C GLY B 95 -8.21 -3.24 -31.94
N TYR B 96 -6.93 -3.00 -31.67
CA TYR B 96 -6.32 -3.42 -30.40
C TYR B 96 -6.27 -2.27 -29.38
N ASN B 97 -6.13 -2.62 -28.10
CA ASN B 97 -6.01 -1.60 -27.06
C ASN B 97 -4.53 -1.41 -26.77
N CYS B 98 -4.10 -0.17 -26.61
CA CYS B 98 -2.70 0.10 -26.33
C CYS B 98 -2.53 1.19 -25.26
N THR B 99 -1.43 1.13 -24.55
CA THR B 99 -1.15 2.08 -23.51
C THR B 99 0.33 2.45 -23.53
N ILE B 100 0.61 3.76 -23.42
CA ILE B 100 1.98 4.24 -23.36
C ILE B 100 2.10 5.02 -22.05
N PHE B 101 3.00 4.58 -21.18
CA PHE B 101 3.26 5.24 -19.90
C PHE B 101 4.51 6.11 -20.03
N ALA B 102 4.58 7.19 -19.25
CA ALA B 102 5.76 8.03 -19.21
C ALA B 102 6.16 7.94 -17.73
N TYR B 103 7.36 7.47 -17.46
CA TYR B 103 7.82 7.29 -16.10
C TYR B 103 9.17 7.96 -15.90
N GLY B 104 9.29 8.70 -14.81
CA GLY B 104 10.52 9.40 -14.52
C GLY B 104 10.29 10.48 -13.48
N GLN B 105 11.40 11.08 -13.05
CA GLN B 105 11.39 12.13 -12.05
C GLN B 105 10.86 13.46 -12.62
N THR B 106 10.21 14.24 -11.76
CA THR B 106 9.71 15.54 -12.16
C THR B 106 10.86 16.30 -12.80
N GLY B 107 10.64 16.88 -13.97
CA GLY B 107 11.68 17.63 -14.63
C GLY B 107 12.47 16.88 -15.68
N THR B 108 12.12 15.61 -15.93
CA THR B 108 12.87 14.85 -16.92
C THR B 108 12.23 14.71 -18.28
N GLY B 109 11.08 15.37 -18.46
CA GLY B 109 10.41 15.32 -19.75
C GLY B 109 9.23 14.39 -19.97
N LYS B 110 8.53 14.01 -18.92
CA LYS B 110 7.36 13.14 -19.09
C LYS B 110 6.29 13.88 -19.90
N THR B 111 5.97 15.10 -19.49
CA THR B 111 4.97 15.90 -20.18
C THR B 111 5.45 16.36 -21.57
N PHE B 112 6.71 16.73 -21.68
CA PHE B 112 7.28 17.17 -22.96
C PHE B 112 7.11 16.05 -23.98
N THR B 113 7.41 14.83 -23.54
CA THR B 113 7.32 13.68 -24.40
C THR B 113 5.88 13.30 -24.76
N MET B 114 5.01 13.24 -23.75
CA MET B 114 3.63 12.85 -23.98
C MET B 114 2.76 13.92 -24.61
N GLU B 115 3.03 15.17 -24.29
CA GLU B 115 2.25 16.28 -24.81
C GLU B 115 3.04 17.25 -25.68
N GLY B 116 4.20 17.68 -25.17
CA GLY B 116 5.03 18.61 -25.89
C GLY B 116 4.65 20.04 -25.56
N GLU B 117 5.16 20.99 -26.32
CA GLU B 117 4.86 22.40 -26.08
C GLU B 117 4.91 23.15 -27.39
N ARG B 118 4.80 24.48 -27.32
CA ARG B 118 4.84 25.28 -28.54
C ARG B 118 6.19 25.96 -28.70
N SER B 119 6.62 26.10 -29.95
CA SER B 119 7.87 26.78 -30.22
C SER B 119 7.48 28.22 -29.92
N PRO B 120 8.37 28.97 -29.28
CA PRO B 120 8.06 30.36 -28.94
C PRO B 120 7.76 31.31 -30.11
N ASN B 121 7.27 32.50 -29.77
CA ASN B 121 6.95 33.57 -30.72
C ASN B 121 6.03 33.19 -31.88
N GLU B 122 5.15 32.23 -31.64
CA GLU B 122 4.21 31.78 -32.67
C GLU B 122 4.90 31.53 -34.02
N GLU B 123 5.97 30.75 -34.02
CA GLU B 123 6.70 30.44 -35.26
C GLU B 123 5.93 29.44 -36.14
N TYR B 124 5.21 28.51 -35.52
CA TYR B 124 4.47 27.51 -36.27
C TYR B 124 3.01 27.40 -35.85
N THR B 125 2.26 26.64 -36.64
CA THR B 125 0.86 26.36 -36.34
C THR B 125 1.01 25.07 -35.53
N TRP B 126 0.05 24.76 -34.67
CA TRP B 126 0.17 23.57 -33.85
C TRP B 126 0.47 22.26 -34.58
N GLU B 127 -0.14 22.05 -35.73
CA GLU B 127 0.08 20.80 -36.46
C GLU B 127 1.43 20.64 -37.13
N GLU B 128 2.25 21.69 -37.08
CA GLU B 128 3.59 21.68 -37.67
C GLU B 128 4.67 21.98 -36.64
N ASP B 129 4.27 22.25 -35.40
CA ASP B 129 5.22 22.57 -34.36
C ASP B 129 6.09 21.35 -34.04
N PRO B 130 7.40 21.44 -34.30
CA PRO B 130 8.30 20.31 -34.02
C PRO B 130 8.43 19.96 -32.53
N LEU B 131 7.95 20.82 -31.64
CA LEU B 131 7.99 20.54 -30.21
C LEU B 131 6.76 19.76 -29.76
N ALA B 132 5.81 19.54 -30.67
CA ALA B 132 4.60 18.78 -30.35
C ALA B 132 5.00 17.38 -29.90
N GLY B 133 4.24 16.85 -28.94
CA GLY B 133 4.52 15.52 -28.43
C GLY B 133 3.59 14.47 -28.99
N ILE B 134 3.56 13.32 -28.32
CA ILE B 134 2.75 12.17 -28.76
C ILE B 134 1.25 12.41 -28.94
N ILE B 135 0.60 13.05 -27.96
CA ILE B 135 -0.83 13.27 -28.07
C ILE B 135 -1.28 14.10 -29.28
N PRO B 136 -0.78 15.33 -29.45
CA PRO B 136 -1.25 16.07 -30.63
C PRO B 136 -0.84 15.40 -31.95
N ARG B 137 0.31 14.74 -31.98
CA ARG B 137 0.75 14.05 -33.19
C ARG B 137 -0.16 12.86 -33.47
N THR B 138 -0.52 12.11 -32.44
CA THR B 138 -1.38 10.95 -32.62
C THR B 138 -2.76 11.34 -33.14
N LEU B 139 -3.38 12.33 -32.51
CA LEU B 139 -4.69 12.79 -32.93
C LEU B 139 -4.67 13.26 -34.38
N HIS B 140 -3.67 14.06 -34.74
CA HIS B 140 -3.55 14.56 -36.11
C HIS B 140 -3.36 13.41 -37.10
N GLN B 141 -2.50 12.46 -36.75
CA GLN B 141 -2.25 11.32 -37.63
C GLN B 141 -3.46 10.43 -37.86
N ILE B 142 -4.29 10.29 -36.84
CA ILE B 142 -5.48 9.46 -36.97
C ILE B 142 -6.34 9.90 -38.15
N PHE B 143 -6.56 11.21 -38.28
CA PHE B 143 -7.34 11.75 -39.38
C PHE B 143 -6.61 11.61 -40.72
N GLU B 144 -5.28 11.63 -40.68
CA GLU B 144 -4.48 11.47 -41.90
C GLU B 144 -4.62 10.05 -42.44
N LYS B 145 -4.33 9.08 -41.58
CA LYS B 145 -4.37 7.67 -41.92
C LYS B 145 -5.72 7.11 -42.38
N LEU B 146 -6.82 7.61 -41.82
CA LEU B 146 -8.14 7.13 -42.21
C LEU B 146 -8.90 8.13 -43.08
N THR B 147 -8.17 9.05 -43.71
CA THR B 147 -8.79 10.08 -44.54
C THR B 147 -9.75 9.59 -45.64
N ASP B 148 -9.36 8.56 -46.39
CA ASP B 148 -10.20 8.00 -47.45
C ASP B 148 -9.82 6.55 -47.76
N ASN B 149 -9.68 5.74 -46.71
CA ASN B 149 -9.31 4.35 -46.89
C ASN B 149 -10.51 3.39 -46.85
N GLY B 150 -11.72 3.95 -46.87
CA GLY B 150 -12.90 3.11 -46.85
C GLY B 150 -13.36 2.73 -45.45
N THR B 151 -12.71 3.29 -44.44
CA THR B 151 -13.08 2.99 -43.07
C THR B 151 -13.78 4.20 -42.46
N GLU B 152 -15.05 4.02 -42.11
CA GLU B 152 -15.80 5.10 -41.49
C GLU B 152 -15.31 5.13 -40.04
N PHE B 153 -15.24 6.31 -39.43
CA PHE B 153 -14.73 6.39 -38.06
C PHE B 153 -15.12 7.63 -37.25
N SER B 154 -15.13 7.46 -35.94
CA SER B 154 -15.42 8.56 -35.02
C SER B 154 -14.32 8.54 -33.96
N VAL B 155 -13.84 9.70 -33.57
CA VAL B 155 -12.80 9.76 -32.55
C VAL B 155 -13.30 10.41 -31.27
N LYS B 156 -13.13 9.72 -30.16
CA LYS B 156 -13.56 10.21 -28.85
C LYS B 156 -12.38 10.28 -27.88
N VAL B 157 -12.27 11.38 -27.16
CA VAL B 157 -11.19 11.54 -26.20
C VAL B 157 -11.71 11.83 -24.81
N SER B 158 -10.93 11.38 -23.84
CA SER B 158 -11.25 11.60 -22.44
C SER B 158 -9.92 11.91 -21.75
N LEU B 159 -9.98 12.74 -20.71
CA LEU B 159 -8.79 13.11 -19.97
C LEU B 159 -9.13 12.98 -18.50
N LEU B 160 -8.76 11.81 -17.97
CA LEU B 160 -9.01 11.49 -16.58
C LEU B 160 -7.70 11.63 -15.79
N GLU B 161 -7.73 12.39 -14.71
CA GLU B 161 -6.53 12.57 -13.92
C GLU B 161 -6.74 12.14 -12.47
N ILE B 162 -5.66 11.71 -11.83
CA ILE B 162 -5.72 11.25 -10.43
C ILE B 162 -4.78 12.05 -9.53
N TYR B 163 -5.31 12.53 -8.40
CA TYR B 163 -4.55 13.30 -7.42
C TYR B 163 -5.07 12.94 -6.05
N ASN B 164 -4.15 12.51 -5.19
CA ASN B 164 -4.50 12.08 -3.83
C ASN B 164 -5.63 11.08 -3.87
N GLU B 165 -5.54 10.13 -4.80
CA GLU B 165 -6.56 9.09 -4.98
C GLU B 165 -7.97 9.60 -5.28
N GLU B 166 -8.06 10.78 -5.89
CA GLU B 166 -9.33 11.35 -6.29
C GLU B 166 -9.29 11.46 -7.81
N LEU B 167 -10.45 11.34 -8.44
CA LEU B 167 -10.56 11.38 -9.88
C LEU B 167 -11.15 12.68 -10.38
N PHE B 168 -10.52 13.28 -11.40
CA PHE B 168 -11.00 14.52 -11.97
C PHE B 168 -11.10 14.41 -13.50
N ASP B 169 -12.02 15.17 -14.08
CA ASP B 169 -12.21 15.19 -15.52
C ASP B 169 -11.66 16.54 -15.98
N LEU B 170 -10.56 16.54 -16.72
CA LEU B 170 -9.97 17.80 -17.18
C LEU B 170 -10.44 18.30 -18.55
N LEU B 171 -11.50 17.70 -19.08
CA LEU B 171 -12.06 18.12 -20.37
C LEU B 171 -13.53 18.50 -20.27
N ASN B 172 -14.08 18.41 -19.06
CA ASN B 172 -15.47 18.77 -18.85
C ASN B 172 -15.55 20.28 -18.66
N PRO B 173 -16.13 21.00 -19.62
CA PRO B 173 -16.24 22.45 -19.49
C PRO B 173 -17.43 22.86 -18.62
N SER B 174 -18.27 21.90 -18.25
CA SER B 174 -19.44 22.16 -17.42
C SER B 174 -19.08 22.25 -15.94
N SER B 175 -18.36 21.27 -15.43
CA SER B 175 -17.97 21.28 -14.02
C SER B 175 -16.58 21.86 -13.83
N ASP B 176 -16.19 22.07 -12.58
CA ASP B 176 -14.87 22.62 -12.29
C ASP B 176 -13.99 21.54 -11.67
N VAL B 177 -12.73 21.89 -11.43
CA VAL B 177 -11.75 20.95 -10.87
C VAL B 177 -11.95 20.51 -9.41
N SER B 178 -12.95 21.06 -8.74
CA SER B 178 -13.20 20.69 -7.36
C SER B 178 -14.09 19.44 -7.26
N GLU B 179 -14.92 19.20 -8.28
CA GLU B 179 -15.82 18.05 -8.29
C GLU B 179 -15.14 16.77 -8.76
N ARG B 180 -15.05 15.79 -7.87
CA ARG B 180 -14.42 14.52 -8.23
C ARG B 180 -15.43 13.53 -8.79
N LEU B 181 -14.92 12.49 -9.44
CA LEU B 181 -15.76 11.47 -10.04
C LEU B 181 -15.76 10.22 -9.17
N GLN B 182 -16.81 9.41 -9.28
CA GLN B 182 -16.93 8.18 -8.52
C GLN B 182 -16.51 7.05 -9.46
N MET B 183 -15.87 6.03 -8.91
CA MET B 183 -15.39 4.88 -9.68
C MET B 183 -16.15 3.62 -9.24
N PHE B 184 -16.55 2.78 -10.20
CA PHE B 184 -17.28 1.55 -9.87
C PHE B 184 -16.82 0.38 -10.73
N ASP B 185 -16.86 -0.84 -10.17
CA ASP B 185 -16.50 -2.04 -10.92
C ASP B 185 -17.53 -2.19 -12.03
N ASP B 186 -17.09 -2.59 -13.22
CA ASP B 186 -18.02 -2.77 -14.31
C ASP B 186 -18.57 -4.20 -14.22
N PRO B 187 -19.87 -4.33 -13.93
CA PRO B 187 -20.54 -5.63 -13.79
C PRO B 187 -20.34 -6.65 -14.91
N ARG B 188 -20.25 -6.18 -16.15
CA ARG B 188 -20.08 -7.09 -17.29
C ARG B 188 -18.68 -7.69 -17.46
N ASN B 189 -17.76 -7.28 -16.60
CA ASN B 189 -16.37 -7.74 -16.64
C ASN B 189 -15.56 -7.10 -15.54
N LYS B 190 -15.39 -7.83 -14.43
CA LYS B 190 -14.66 -7.33 -13.26
C LYS B 190 -13.24 -6.81 -13.53
N ARG B 191 -12.73 -7.11 -14.72
CA ARG B 191 -11.42 -6.64 -15.14
C ARG B 191 -11.49 -5.14 -15.46
N GLY B 192 -12.69 -4.66 -15.78
CA GLY B 192 -12.88 -3.26 -16.12
C GLY B 192 -13.45 -2.39 -15.03
N VAL B 193 -13.70 -1.12 -15.35
CA VAL B 193 -14.23 -0.16 -14.38
C VAL B 193 -15.07 0.92 -15.08
N ILE B 194 -16.01 1.50 -14.34
CA ILE B 194 -16.89 2.55 -14.87
C ILE B 194 -16.63 3.85 -14.13
N ILE B 195 -16.38 4.93 -14.86
CA ILE B 195 -16.13 6.24 -14.25
C ILE B 195 -17.36 7.10 -14.48
N LYS B 196 -18.19 7.26 -13.46
CA LYS B 196 -19.42 8.05 -13.57
C LYS B 196 -19.15 9.52 -13.82
N GLY B 197 -19.73 10.04 -14.89
CA GLY B 197 -19.55 11.46 -15.21
C GLY B 197 -18.37 11.83 -16.09
N LEU B 198 -17.49 10.87 -16.40
CA LEU B 198 -16.34 11.16 -17.23
C LEU B 198 -16.77 11.50 -18.66
N GLU B 199 -16.49 12.73 -19.05
CA GLU B 199 -16.83 13.25 -20.36
C GLU B 199 -16.02 12.68 -21.51
N GLU B 200 -16.72 12.33 -22.58
CA GLU B 200 -16.10 11.82 -23.79
C GLU B 200 -16.44 12.84 -24.87
N ILE B 201 -15.44 13.59 -25.30
CA ILE B 201 -15.64 14.60 -26.33
C ILE B 201 -15.29 14.05 -27.71
N THR B 202 -16.24 14.14 -28.63
CA THR B 202 -16.05 13.67 -29.99
C THR B 202 -15.22 14.69 -30.75
N VAL B 203 -14.18 14.21 -31.41
CA VAL B 203 -13.32 15.07 -32.22
C VAL B 203 -13.75 14.77 -33.65
N HIS B 204 -14.57 15.68 -34.19
CA HIS B 204 -15.12 15.55 -35.53
C HIS B 204 -14.12 15.65 -36.68
N ASN B 205 -13.06 16.42 -36.50
CA ASN B 205 -12.06 16.56 -37.54
C ASN B 205 -10.76 17.09 -36.94
N LYS B 206 -9.72 17.14 -37.76
CA LYS B 206 -8.42 17.62 -37.32
C LYS B 206 -8.44 19.04 -36.74
N ASP B 207 -9.29 19.90 -37.30
CA ASP B 207 -9.39 21.28 -36.87
C ASP B 207 -10.08 21.51 -35.52
N GLU B 208 -10.49 20.44 -34.85
CA GLU B 208 -11.12 20.58 -33.54
C GLU B 208 -10.21 20.12 -32.41
N VAL B 209 -9.11 19.43 -32.74
CA VAL B 209 -8.24 18.94 -31.68
C VAL B 209 -7.45 19.98 -30.87
N TYR B 210 -6.92 21.02 -31.51
CA TYR B 210 -6.15 21.99 -30.75
C TYR B 210 -6.95 22.67 -29.65
N GLN B 211 -8.18 23.07 -29.97
CA GLN B 211 -9.03 23.74 -29.00
C GLN B 211 -9.33 22.85 -27.80
N ILE B 212 -9.50 21.56 -28.07
CA ILE B 212 -9.78 20.61 -27.00
C ILE B 212 -8.57 20.56 -26.06
N LEU B 213 -7.37 20.52 -26.63
CA LEU B 213 -6.16 20.48 -25.80
C LEU B 213 -5.98 21.79 -25.02
N GLU B 214 -6.35 22.93 -25.60
CA GLU B 214 -6.22 24.20 -24.89
C GLU B 214 -7.13 24.21 -23.66
N LYS B 215 -8.35 23.73 -23.82
CA LYS B 215 -9.27 23.67 -22.70
C LYS B 215 -8.69 22.80 -21.60
N GLY B 216 -8.05 21.69 -22.00
CA GLY B 216 -7.44 20.81 -21.03
C GLY B 216 -6.39 21.57 -20.25
N ALA B 217 -5.48 22.24 -20.96
CA ALA B 217 -4.43 23.00 -20.32
C ALA B 217 -4.99 24.03 -19.34
N ALA B 218 -5.97 24.83 -19.77
CA ALA B 218 -6.55 25.87 -18.91
C ALA B 218 -7.15 25.29 -17.64
N LYS B 219 -7.94 24.24 -17.77
CA LYS B 219 -8.53 23.63 -16.60
C LYS B 219 -7.44 23.07 -15.65
N ARG B 220 -6.33 22.62 -16.21
CA ARG B 220 -5.24 22.11 -15.37
C ARG B 220 -4.65 23.25 -14.55
N THR B 221 -4.64 24.46 -15.13
CA THR B 221 -4.13 25.63 -14.45
C THR B 221 -4.93 25.90 -13.19
N THR B 222 -6.26 25.76 -13.29
CA THR B 222 -7.10 25.97 -12.13
C THR B 222 -6.82 24.86 -11.12
N ALA B 223 -6.64 23.64 -11.61
CA ALA B 223 -6.35 22.52 -10.71
C ALA B 223 -5.10 22.84 -9.90
N ALA B 224 -4.07 23.35 -10.58
CA ALA B 224 -2.82 23.71 -9.90
C ALA B 224 -3.06 24.76 -8.82
N THR B 225 -3.96 25.69 -9.08
CA THR B 225 -4.27 26.74 -8.11
C THR B 225 -4.89 26.16 -6.84
N LEU B 226 -5.76 25.18 -7.00
CA LEU B 226 -6.44 24.55 -5.87
C LEU B 226 -5.68 23.43 -5.16
N MET B 227 -4.87 22.69 -5.89
CA MET B 227 -4.16 21.56 -5.30
C MET B 227 -2.64 21.71 -5.33
N ASN B 228 -2.01 21.49 -4.17
CA ASN B 228 -0.57 21.64 -4.03
C ASN B 228 0.23 20.75 -4.97
N ALA B 229 1.25 21.32 -5.61
CA ALA B 229 2.11 20.59 -6.54
C ALA B 229 1.32 19.65 -7.44
N TYR B 230 0.20 20.12 -7.97
CA TYR B 230 -0.65 19.32 -8.83
C TYR B 230 0.00 18.66 -10.06
N SER B 231 0.72 19.43 -10.85
CA SER B 231 1.35 18.90 -12.06
C SER B 231 2.41 17.82 -11.83
N SER B 232 3.04 17.84 -10.66
CA SER B 232 4.06 16.85 -10.39
C SER B 232 3.52 15.67 -9.58
N ARG B 233 2.37 15.83 -8.93
CA ARG B 233 1.84 14.73 -8.12
C ARG B 233 0.61 14.01 -8.68
N SER B 234 0.11 14.48 -9.81
CA SER B 234 -1.06 13.89 -10.43
C SER B 234 -0.68 12.93 -11.56
N HIS B 235 -1.56 11.97 -11.83
CA HIS B 235 -1.38 11.01 -12.92
C HIS B 235 -2.44 11.42 -13.92
N SER B 236 -2.09 11.48 -15.20
CA SER B 236 -3.10 11.85 -16.19
C SER B 236 -3.21 10.77 -17.26
N VAL B 237 -4.44 10.35 -17.53
CA VAL B 237 -4.71 9.33 -18.54
C VAL B 237 -5.55 9.96 -19.65
N PHE B 238 -4.92 10.27 -20.77
CA PHE B 238 -5.61 10.86 -21.92
C PHE B 238 -5.89 9.68 -22.83
N SER B 239 -7.17 9.34 -22.97
CA SER B 239 -7.58 8.23 -23.80
C SER B 239 -8.22 8.67 -25.10
N VAL B 240 -7.92 7.94 -26.17
CA VAL B 240 -8.48 8.24 -27.48
C VAL B 240 -9.06 6.95 -28.05
N THR B 241 -10.37 6.92 -28.18
CA THR B 241 -11.08 5.77 -28.70
C THR B 241 -11.49 6.01 -30.14
N ILE B 242 -11.25 5.03 -31.00
CA ILE B 242 -11.60 5.18 -32.42
C ILE B 242 -12.56 4.06 -32.84
N HIS B 243 -13.83 4.39 -33.06
CA HIS B 243 -14.81 3.40 -33.51
C HIS B 243 -14.69 3.32 -35.03
N MET B 244 -14.42 2.13 -35.56
CA MET B 244 -14.26 1.98 -37.00
C MET B 244 -15.25 1.03 -37.64
N LYS B 245 -15.70 1.39 -38.84
CA LYS B 245 -16.66 0.57 -39.58
C LYS B 245 -16.23 0.43 -41.05
N GLU B 246 -15.87 -0.79 -41.43
CA GLU B 246 -15.47 -1.08 -42.80
C GLU B 246 -16.69 -1.71 -43.48
N THR B 247 -16.76 -1.55 -44.79
CA THR B 247 -17.84 -2.14 -45.56
C THR B 247 -17.20 -2.89 -46.71
N THR B 248 -17.44 -4.19 -46.79
CA THR B 248 -16.86 -5.01 -47.83
C THR B 248 -17.58 -4.85 -49.16
N ILE B 249 -17.02 -5.45 -50.20
CA ILE B 249 -17.56 -5.42 -51.55
C ILE B 249 -18.93 -6.12 -51.59
N ASP B 250 -19.17 -6.96 -50.59
CA ASP B 250 -20.43 -7.69 -50.44
C ASP B 250 -21.45 -6.93 -49.59
N GLY B 251 -21.07 -5.73 -49.16
CA GLY B 251 -21.96 -4.93 -48.34
C GLY B 251 -21.93 -5.23 -46.86
N GLU B 252 -21.15 -6.22 -46.42
CA GLU B 252 -21.11 -6.52 -45.01
C GLU B 252 -20.28 -5.47 -44.27
N GLU B 253 -20.62 -5.22 -43.01
CA GLU B 253 -19.88 -4.25 -42.23
C GLU B 253 -19.01 -4.91 -41.16
N LEU B 254 -17.78 -4.44 -41.04
CA LEU B 254 -16.82 -4.95 -40.08
C LEU B 254 -16.49 -3.81 -39.12
N VAL B 255 -16.73 -4.01 -37.83
CA VAL B 255 -16.45 -2.98 -36.83
C VAL B 255 -15.20 -3.25 -36.01
N LYS B 256 -14.40 -2.21 -35.81
CA LYS B 256 -13.17 -2.28 -35.04
C LYS B 256 -13.22 -1.19 -33.98
N ILE B 257 -12.76 -1.50 -32.77
CA ILE B 257 -12.74 -0.51 -31.72
C ILE B 257 -11.35 -0.52 -31.16
N GLY B 258 -10.63 0.58 -31.37
CA GLY B 258 -9.29 0.68 -30.86
C GLY B 258 -9.21 1.81 -29.86
N LYS B 259 -8.55 1.57 -28.73
CA LYS B 259 -8.41 2.59 -27.70
C LYS B 259 -6.94 2.69 -27.30
N LEU B 260 -6.43 3.92 -27.27
CA LEU B 260 -5.05 4.19 -26.90
C LEU B 260 -4.99 5.03 -25.63
N ASN B 261 -4.25 4.58 -24.63
CA ASN B 261 -4.12 5.33 -23.39
C ASN B 261 -2.72 5.91 -23.26
N LEU B 262 -2.66 7.24 -23.12
CA LEU B 262 -1.40 7.94 -22.98
C LEU B 262 -1.36 8.42 -21.54
N VAL B 263 -0.56 7.73 -20.74
CA VAL B 263 -0.45 8.04 -19.33
C VAL B 263 0.80 8.78 -18.91
N ASP B 264 0.58 9.98 -18.38
CA ASP B 264 1.65 10.84 -17.90
C ASP B 264 1.62 10.63 -16.37
N LEU B 265 2.52 9.80 -15.85
CA LEU B 265 2.53 9.53 -14.40
C LEU B 265 3.10 10.63 -13.51
N ALA B 266 2.76 10.57 -12.23
CA ALA B 266 3.27 11.52 -11.25
C ALA B 266 4.78 11.26 -11.13
N GLY B 267 5.55 12.30 -10.83
CA GLY B 267 6.99 12.15 -10.69
C GLY B 267 7.33 11.04 -9.72
N SER B 268 8.34 10.25 -10.10
CA SER B 268 8.76 9.11 -9.29
C SER B 268 9.78 9.42 -8.20
N GLU B 269 10.10 10.68 -7.97
CA GLU B 269 11.09 11.04 -6.97
C GLU B 269 10.62 10.90 -5.52
N ASN B 270 11.54 10.42 -4.67
CA ASN B 270 11.30 10.22 -3.24
C ASN B 270 12.40 9.38 -2.58
N ASN B 286 3.87 13.44 2.01
CA ASN B 286 2.65 12.79 1.51
C ASN B 286 3.00 11.65 0.55
N ILE B 287 2.17 10.61 0.53
CA ILE B 287 2.40 9.45 -0.31
C ILE B 287 1.45 9.39 -1.49
N ASN B 288 1.92 8.80 -2.58
CA ASN B 288 1.10 8.67 -3.77
C ASN B 288 0.70 7.21 -3.87
N GLN B 289 -0.49 6.89 -3.36
CA GLN B 289 -0.99 5.51 -3.36
C GLN B 289 -0.98 4.82 -4.72
N SER B 290 -1.36 5.53 -5.78
CA SER B 290 -1.39 4.96 -7.12
C SER B 290 0.01 4.66 -7.62
N LEU B 291 0.95 5.57 -7.39
CA LEU B 291 2.33 5.35 -7.80
C LEU B 291 2.93 4.16 -7.02
N LEU B 292 2.68 4.11 -5.72
CA LEU B 292 3.16 3.02 -4.88
C LEU B 292 2.61 1.69 -5.41
N THR B 293 1.30 1.63 -5.62
CA THR B 293 0.68 0.40 -6.10
C THR B 293 1.20 -0.01 -7.47
N LEU B 294 1.46 0.95 -8.35
CA LEU B 294 1.98 0.63 -9.68
C LEU B 294 3.27 -0.17 -9.56
N GLY B 295 4.15 0.31 -8.69
CA GLY B 295 5.42 -0.37 -8.44
C GLY B 295 5.25 -1.78 -7.89
N ARG B 296 4.32 -1.95 -6.95
CA ARG B 296 4.05 -3.26 -6.35
C ARG B 296 3.39 -4.19 -7.36
N VAL B 297 2.54 -3.64 -8.22
CA VAL B 297 1.88 -4.43 -9.25
C VAL B 297 2.94 -4.97 -10.20
N ILE B 298 3.88 -4.12 -10.59
CA ILE B 298 4.93 -4.55 -11.50
C ILE B 298 5.81 -5.62 -10.85
N THR B 299 6.12 -5.43 -9.57
CA THR B 299 6.92 -6.42 -8.86
C THR B 299 6.20 -7.76 -8.84
N ALA B 300 4.90 -7.74 -8.54
CA ALA B 300 4.12 -8.96 -8.49
C ALA B 300 4.13 -9.68 -9.85
N LEU B 301 4.04 -8.89 -10.92
CA LEU B 301 4.04 -9.43 -12.29
C LEU B 301 5.39 -10.02 -12.66
N VAL B 302 6.46 -9.26 -12.42
CA VAL B 302 7.82 -9.69 -12.74
C VAL B 302 8.25 -10.95 -11.98
N GLU B 303 7.86 -11.06 -10.72
CA GLU B 303 8.20 -12.20 -9.90
C GLU B 303 7.15 -13.31 -9.97
N ARG B 304 6.16 -13.11 -10.83
CA ARG B 304 5.07 -14.06 -11.04
C ARG B 304 4.30 -14.48 -9.80
N THR B 305 4.27 -13.60 -8.80
CA THR B 305 3.53 -13.85 -7.57
C THR B 305 2.07 -14.03 -8.00
N PRO B 306 1.39 -15.05 -7.44
CA PRO B 306 -0.02 -15.31 -7.80
C PRO B 306 -0.95 -14.11 -7.64
N HIS B 307 -0.75 -13.32 -6.58
CA HIS B 307 -1.59 -12.17 -6.35
C HIS B 307 -0.94 -10.86 -6.81
N VAL B 308 -1.68 -10.09 -7.61
CA VAL B 308 -1.22 -8.80 -8.13
C VAL B 308 -2.16 -7.78 -7.52
N PRO B 309 -1.63 -6.85 -6.71
CA PRO B 309 -2.43 -5.81 -6.05
C PRO B 309 -3.11 -4.71 -6.86
N TYR B 310 -3.66 -5.08 -8.01
CA TYR B 310 -4.38 -4.15 -8.89
C TYR B 310 -5.37 -3.24 -8.15
N ARG B 311 -6.16 -3.82 -7.26
CA ARG B 311 -7.18 -3.08 -6.53
C ARG B 311 -6.76 -2.10 -5.43
N GLU B 312 -5.47 -2.06 -5.09
CA GLU B 312 -5.03 -1.14 -4.04
C GLU B 312 -4.89 0.34 -4.43
N SER B 313 -5.33 0.71 -5.63
CA SER B 313 -5.23 2.11 -6.06
C SER B 313 -6.13 2.36 -7.27
N LYS B 314 -6.53 3.61 -7.47
CA LYS B 314 -7.38 3.95 -8.61
C LYS B 314 -6.63 3.70 -9.91
N LEU B 315 -5.39 4.17 -9.98
CA LEU B 315 -4.57 4.02 -11.20
C LEU B 315 -4.48 2.59 -11.73
N THR B 316 -4.09 1.65 -10.87
CA THR B 316 -3.94 0.27 -11.30
C THR B 316 -5.25 -0.46 -11.54
N ARG B 317 -6.35 0.04 -10.99
CA ARG B 317 -7.62 -0.60 -11.26
C ARG B 317 -8.07 -0.17 -12.66
N ILE B 318 -7.95 1.12 -12.93
CA ILE B 318 -8.32 1.69 -14.22
C ILE B 318 -7.47 1.12 -15.35
N LEU B 319 -6.19 0.89 -15.09
CA LEU B 319 -5.29 0.40 -16.12
C LEU B 319 -4.82 -1.04 -15.97
N GLN B 320 -5.54 -1.87 -15.22
CA GLN B 320 -5.08 -3.24 -15.02
C GLN B 320 -4.87 -4.08 -16.29
N ASP B 321 -5.63 -3.83 -17.34
CA ASP B 321 -5.42 -4.61 -18.57
C ASP B 321 -4.09 -4.25 -19.24
N SER B 322 -3.51 -3.13 -18.83
CA SER B 322 -2.23 -2.66 -19.37
C SER B 322 -1.03 -3.23 -18.59
N LEU B 323 -1.32 -3.96 -17.52
CA LEU B 323 -0.29 -4.55 -16.67
C LEU B 323 -0.50 -6.06 -16.60
N GLY B 324 0.12 -6.78 -17.54
CA GLY B 324 -0.02 -8.22 -17.59
C GLY B 324 -1.39 -8.62 -18.08
N GLY B 325 -2.05 -7.72 -18.80
CA GLY B 325 -3.39 -8.00 -19.31
C GLY B 325 -3.38 -8.24 -20.81
N ARG B 326 -4.42 -7.81 -21.50
CA ARG B 326 -4.50 -8.02 -22.94
C ARG B 326 -4.22 -6.78 -23.81
N THR B 327 -3.73 -5.72 -23.20
CA THR B 327 -3.42 -4.47 -23.91
C THR B 327 -1.93 -4.42 -24.24
N ARG B 328 -1.57 -3.92 -25.41
CA ARG B 328 -0.16 -3.81 -25.79
C ARG B 328 0.37 -2.59 -25.02
N THR B 329 1.42 -2.79 -24.23
CA THR B 329 1.97 -1.71 -23.42
C THR B 329 3.45 -1.35 -23.64
N SER B 330 3.73 -0.05 -23.63
CA SER B 330 5.06 0.51 -23.79
C SER B 330 5.29 1.51 -22.67
N ILE B 331 6.49 1.53 -22.13
CA ILE B 331 6.80 2.48 -21.08
C ILE B 331 7.98 3.30 -21.56
N ILE B 332 7.87 4.62 -21.43
CA ILE B 332 8.94 5.51 -21.82
C ILE B 332 9.48 6.08 -20.51
N ALA B 333 10.68 5.66 -20.13
CA ALA B 333 11.32 6.16 -18.91
C ALA B 333 12.20 7.35 -19.23
N THR B 334 11.89 8.49 -18.61
CA THR B 334 12.65 9.71 -18.85
C THR B 334 13.68 9.97 -17.76
N ILE B 335 14.86 10.44 -18.15
CA ILE B 335 15.92 10.68 -17.19
C ILE B 335 16.65 11.99 -17.42
N SER B 336 17.47 12.35 -16.45
CA SER B 336 18.25 13.57 -16.49
C SER B 336 19.73 13.25 -16.71
N PRO B 337 20.44 14.10 -17.46
CA PRO B 337 21.87 13.86 -17.72
C PRO B 337 22.71 14.53 -16.64
N ALA B 338 22.07 15.29 -15.75
CA ALA B 338 22.79 16.01 -14.69
C ALA B 338 23.27 15.13 -13.56
N SER B 339 24.52 15.31 -13.17
CA SER B 339 25.11 14.51 -12.09
C SER B 339 24.35 14.67 -10.78
N LEU B 340 23.72 15.81 -10.58
CA LEU B 340 22.98 16.06 -9.34
C LEU B 340 21.65 15.30 -9.28
N ASN B 341 21.29 14.61 -10.37
CA ASN B 341 20.08 13.80 -10.44
C ASN B 341 20.45 12.32 -10.52
N LEU B 342 21.70 12.01 -10.19
CA LEU B 342 22.23 10.65 -10.24
C LEU B 342 21.37 9.58 -9.55
N GLU B 343 21.11 9.75 -8.26
CA GLU B 343 20.32 8.76 -7.53
C GLU B 343 18.93 8.47 -8.10
N GLU B 344 18.20 9.50 -8.50
CA GLU B 344 16.87 9.30 -9.06
C GLU B 344 16.96 8.72 -10.47
N THR B 345 18.00 9.10 -11.21
CA THR B 345 18.17 8.55 -12.55
C THR B 345 18.43 7.06 -12.48
N LEU B 346 19.29 6.65 -11.53
CA LEU B 346 19.60 5.24 -11.34
C LEU B 346 18.34 4.50 -10.90
N SER B 347 17.58 5.12 -10.00
CA SER B 347 16.35 4.51 -9.54
C SER B 347 15.36 4.32 -10.69
N THR B 348 15.31 5.29 -11.60
CA THR B 348 14.42 5.20 -12.76
C THR B 348 14.81 4.09 -13.73
N LEU B 349 16.09 4.04 -14.11
CA LEU B 349 16.58 3.00 -15.01
C LEU B 349 16.36 1.62 -14.38
N GLU B 350 16.56 1.55 -13.07
CA GLU B 350 16.40 0.32 -12.32
C GLU B 350 14.94 -0.14 -12.36
N TYR B 351 14.02 0.79 -12.19
CA TYR B 351 12.59 0.49 -12.22
C TYR B 351 12.16 0.17 -13.66
N ALA B 352 12.69 0.90 -14.62
CA ALA B 352 12.34 0.65 -16.02
C ALA B 352 12.84 -0.72 -16.48
N HIS B 353 14.07 -1.06 -16.07
CA HIS B 353 14.68 -2.33 -16.46
C HIS B 353 13.93 -3.56 -15.98
N ARG B 354 13.59 -3.59 -14.70
CA ARG B 354 12.87 -4.75 -14.20
C ARG B 354 11.49 -4.86 -14.82
N ALA B 355 10.95 -3.74 -15.27
CA ALA B 355 9.61 -3.72 -15.87
C ALA B 355 9.52 -4.41 -17.24
N LYS B 356 10.64 -4.58 -17.94
CA LYS B 356 10.53 -5.20 -19.24
C LYS B 356 10.27 -6.70 -19.18
N ASN B 357 10.33 -7.26 -17.98
CA ASN B 357 10.05 -8.69 -17.80
C ASN B 357 8.55 -8.94 -17.60
N ILE B 358 7.73 -7.93 -17.88
CA ILE B 358 6.29 -8.06 -17.75
C ILE B 358 5.75 -8.63 -19.07
N LEU B 359 4.96 -9.69 -18.96
CA LEU B 359 4.40 -10.35 -20.13
C LEU B 359 2.95 -9.90 -20.32
N ASN B 360 2.66 -9.41 -21.52
CA ASN B 360 1.31 -8.92 -21.84
C ASN B 360 0.64 -9.73 -22.96
N LYS B 361 -0.68 -9.81 -22.85
CA LYS B 361 -1.54 -10.49 -23.80
C LYS B 361 -1.24 -11.99 -23.93
#